data_2GCU
#
_entry.id   2GCU
#
_cell.length_a   66.607
_cell.length_b   64.469
_cell.length_c   127.877
_cell.angle_alpha   90.00
_cell.angle_beta   97.83
_cell.angle_gamma   90.00
#
_symmetry.space_group_name_H-M   'P 1 21 1'
#
loop_
_entity.id
_entity.type
_entity.pdbx_description
1 polymer 'Putative hydroxyacylglutathione hydrolase 3'
2 non-polymer 'FE (II) ION'
3 non-polymer 'SULFATE ION'
4 non-polymer 1,2-ETHANEDIOL
5 water water
#
_entity_poly.entity_id   1
_entity_poly.type   'polypeptide(L)'
_entity_poly.pdbx_seq_one_letter_code
;MKLLFRQLFENESSTFTYLLADVSHPDKPALLIDPVDKTVDRDLKLIDELGLKLIYAMNTHVHADHVTGTGLLKTKLPGV
KSVISKASGSKADLFLEPGDKVSIGDIYLEVRATPGHTAGCVTYVTGEGADQPQPRMAFTGDAVLIRGCGRTDFQEGSSD
QLYESVHSQIFTLPKDTLIYPAHDYKGFEVSTVGEEMQHNPRLTKDKETFKTIMSNLNLSYPKMIDVAVPANMV(CSD)G
LQDVPSQAN
;
_entity_poly.pdbx_strand_id   A,B,C,D
#
# COMPACT_ATOMS: atom_id res chain seq x y z
N MET A 1 -7.78 34.26 -14.21
CA MET A 1 -7.57 32.80 -14.03
C MET A 1 -6.19 32.38 -14.50
N LYS A 2 -5.51 31.56 -13.70
CA LYS A 2 -4.29 30.86 -14.15
C LYS A 2 -4.38 29.38 -13.74
N LEU A 3 -4.55 28.48 -14.73
CA LEU A 3 -4.74 27.04 -14.43
C LEU A 3 -3.42 26.26 -14.19
N LEU A 4 -3.34 25.56 -13.07
CA LEU A 4 -2.32 24.55 -12.88
C LEU A 4 -3.07 23.23 -13.01
N PHE A 5 -2.55 22.31 -13.83
CA PHE A 5 -3.28 21.08 -14.13
C PHE A 5 -2.30 19.95 -14.12
N ARG A 6 -2.66 18.88 -13.41
CA ARG A 6 -1.83 17.66 -13.42
C ARG A 6 -2.75 16.44 -13.52
N GLN A 7 -2.29 15.52 -14.36
CA GLN A 7 -2.90 14.19 -14.48
C GLN A 7 -1.97 13.17 -13.79
N LEU A 8 -2.52 12.33 -12.94
CA LEU A 8 -1.73 11.45 -12.10
C LEU A 8 -2.29 10.06 -12.30
N PHE A 9 -1.47 9.01 -12.22
CA PHE A 9 -1.92 7.64 -12.58
C PHE A 9 -1.72 6.71 -11.41
N GLU A 10 -2.71 5.84 -11.18
CA GLU A 10 -2.63 4.81 -10.13
C GLU A 10 -2.55 3.47 -10.83
N ASN A 11 -1.37 2.86 -10.77
CA ASN A 11 -1.13 1.76 -11.67
C ASN A 11 -1.91 0.48 -11.32
N GLU A 12 -2.29 0.26 -10.07
CA GLU A 12 -3.00 -1.00 -9.77
C GLU A 12 -4.36 -1.06 -10.47
N SER A 13 -5.03 0.08 -10.54
CA SER A 13 -6.38 0.11 -11.12
C SER A 13 -6.42 0.85 -12.45
N SER A 14 -5.26 1.34 -12.88
CA SER A 14 -5.16 2.12 -14.13
C SER A 14 -6.02 3.40 -14.12
N THR A 15 -6.09 4.04 -12.97
CA THR A 15 -7.00 5.17 -12.78
C THR A 15 -6.27 6.49 -12.92
N PHE A 16 -6.89 7.47 -13.60
CA PHE A 16 -6.35 8.80 -13.61
C PHE A 16 -7.04 9.66 -12.55
N THR A 17 -6.23 10.32 -11.71
CA THR A 17 -6.68 11.41 -10.81
C THR A 17 -6.24 12.73 -11.44
N TYR A 18 -7.09 13.77 -11.35
CA TYR A 18 -6.79 15.07 -11.92
C TYR A 18 -6.72 16.11 -10.81
N LEU A 19 -5.65 16.91 -10.84
CA LEU A 19 -5.46 18.07 -9.92
C LEU A 19 -5.64 19.34 -10.74
N LEU A 20 -6.57 20.22 -10.33
CA LEU A 20 -6.73 21.53 -10.97
C LEU A 20 -6.64 22.59 -9.88
N ALA A 21 -5.96 23.70 -10.21
CA ALA A 21 -5.88 24.81 -9.27
C ALA A 21 -5.88 26.14 -10.00
N ASP A 22 -6.45 27.16 -9.35
CA ASP A 22 -6.32 28.53 -9.86
C ASP A 22 -5.12 29.16 -9.14
N VAL A 23 -3.95 29.14 -9.78
CA VAL A 23 -2.76 29.68 -9.11
C VAL A 23 -2.58 31.20 -9.25
N SER A 24 -3.57 31.86 -9.83
CA SER A 24 -3.60 33.34 -9.87
C SER A 24 -4.23 33.90 -8.59
N HIS A 25 -4.87 33.04 -7.83
CA HIS A 25 -5.62 33.44 -6.66
C HIS A 25 -4.72 33.31 -5.44
N PRO A 26 -4.82 34.26 -4.48
CA PRO A 26 -3.84 34.24 -3.39
C PRO A 26 -3.74 32.92 -2.63
N ASP A 27 -4.84 32.16 -2.56
CA ASP A 27 -4.88 30.91 -1.79
C ASP A 27 -4.50 29.68 -2.63
N LYS A 28 -4.39 29.87 -3.95
CA LYS A 28 -4.18 28.76 -4.93
C LYS A 28 -5.21 27.62 -4.67
N PRO A 29 -6.52 27.95 -4.78
CA PRO A 29 -7.51 26.94 -4.45
C PRO A 29 -7.49 25.83 -5.50
N ALA A 30 -7.70 24.61 -5.03
CA ALA A 30 -7.50 23.43 -5.88
C ALA A 30 -8.62 22.45 -5.70
N LEU A 31 -8.79 21.54 -6.67
CA LEU A 31 -9.65 20.38 -6.44
C LEU A 31 -8.95 19.13 -7.03
N LEU A 32 -9.36 17.96 -6.53
CA LEU A 32 -8.99 16.66 -7.13
C LEU A 32 -10.23 16.01 -7.72
N ILE A 33 -10.06 15.36 -8.88
CA ILE A 33 -11.11 14.50 -9.49
C ILE A 33 -10.64 13.04 -9.46
N ASP A 34 -11.45 12.17 -8.88
CA ASP A 34 -11.14 10.74 -8.83
C ASP A 34 -9.84 10.38 -8.11
N PRO A 35 -9.67 10.92 -6.88
CA PRO A 35 -8.48 10.52 -6.09
C PRO A 35 -8.62 9.10 -5.57
N VAL A 36 -7.51 8.36 -5.45
CA VAL A 36 -7.54 6.94 -5.02
C VAL A 36 -6.90 6.87 -3.63
N ASP A 37 -7.46 6.01 -2.78
CA ASP A 37 -6.92 5.83 -1.41
C ASP A 37 -5.40 5.57 -1.39
N LYS A 38 -4.96 4.69 -2.27
CA LYS A 38 -3.54 4.27 -2.31
C LYS A 38 -2.59 5.41 -2.56
N THR A 39 -3.06 6.44 -3.25
CA THR A 39 -2.20 7.52 -3.65
C THR A 39 -2.49 8.83 -2.90
N VAL A 40 -3.28 8.77 -1.83
CA VAL A 40 -3.50 9.96 -1.02
C VAL A 40 -2.22 10.67 -0.54
N ASP A 41 -1.26 9.89 -0.02
CA ASP A 41 -0.02 10.51 0.46
C ASP A 41 0.79 11.19 -0.64
N ARG A 42 0.85 10.55 -1.82
CA ARG A 42 1.47 11.17 -2.97
C ARG A 42 0.80 12.50 -3.29
N ASP A 43 -0.54 12.47 -3.36
CA ASP A 43 -1.32 13.61 -3.75
C ASP A 43 -1.16 14.77 -2.75
N LEU A 44 -1.23 14.45 -1.48
CA LEU A 44 -1.04 15.47 -0.44
C LEU A 44 0.37 16.04 -0.47
N LYS A 45 1.36 15.18 -0.72
CA LYS A 45 2.75 15.69 -0.78
C LYS A 45 2.89 16.67 -1.93
N LEU A 46 2.27 16.31 -3.07
CA LEU A 46 2.31 17.21 -4.23
C LEU A 46 1.57 18.56 -3.99
N ILE A 47 0.36 18.49 -3.41
CA ILE A 47 -0.42 19.68 -3.09
C ILE A 47 0.42 20.60 -2.14
N ASP A 48 1.12 19.98 -1.19
CA ASP A 48 1.94 20.78 -0.26
C ASP A 48 3.14 21.40 -1.00
N GLU A 49 3.81 20.64 -1.86
CA GLU A 49 4.97 21.20 -2.56
C GLU A 49 4.58 22.38 -3.43
N LEU A 50 3.38 22.33 -4.03
CA LEU A 50 2.92 23.34 -4.94
C LEU A 50 2.15 24.46 -4.21
N GLY A 51 2.00 24.28 -2.90
CA GLY A 51 1.41 25.29 -2.01
C GLY A 51 -0.06 25.52 -2.29
N LEU A 52 -0.76 24.44 -2.68
CA LEU A 52 -2.16 24.59 -3.05
C LEU A 52 -3.06 24.47 -1.84
N LYS A 53 -4.23 25.09 -1.96
CA LYS A 53 -5.30 24.92 -0.97
C LYS A 53 -6.42 24.04 -1.53
N LEU A 54 -6.43 22.80 -1.09
CA LEU A 54 -7.45 21.81 -1.57
C LEU A 54 -8.81 22.07 -0.93
N ILE A 55 -9.74 22.44 -1.81
CA ILE A 55 -11.12 22.80 -1.47
C ILE A 55 -12.05 21.58 -1.59
N TYR A 56 -11.95 20.87 -2.74
CA TYR A 56 -12.87 19.76 -3.04
C TYR A 56 -12.12 18.53 -3.48
N ALA A 57 -12.66 17.38 -3.12
CA ALA A 57 -12.20 16.07 -3.62
C ALA A 57 -13.45 15.44 -4.22
N MET A 58 -13.43 15.27 -5.55
CA MET A 58 -14.65 14.95 -6.29
C MET A 58 -14.51 13.63 -6.98
N ASN A 59 -15.64 12.98 -7.16
CA ASN A 59 -15.67 11.76 -7.97
C ASN A 59 -16.60 11.94 -9.17
N THR A 60 -16.17 11.38 -10.31
CA THR A 60 -17.09 11.29 -11.48
C THR A 60 -18.24 10.32 -11.30
N HIS A 61 -17.99 9.29 -10.51
CA HIS A 61 -18.98 8.25 -10.22
C HIS A 61 -18.55 7.38 -9.07
N VAL A 62 -19.42 6.47 -8.67
CA VAL A 62 -19.01 5.42 -7.73
C VAL A 62 -18.12 4.40 -8.43
N HIS A 63 -16.87 4.30 -8.01
CA HIS A 63 -15.92 3.42 -8.69
C HIS A 63 -16.04 1.97 -8.29
N ALA A 64 -15.85 1.13 -9.30
CA ALA A 64 -15.93 -0.33 -9.11
C ALA A 64 -14.57 -1.02 -8.99
N ASP A 65 -13.50 -0.27 -9.24
CA ASP A 65 -12.15 -0.84 -9.48
C ASP A 65 -11.12 -0.40 -8.44
N HIS A 66 -11.46 0.61 -7.64
CA HIS A 66 -10.58 1.15 -6.59
C HIS A 66 -11.42 1.77 -5.51
N VAL A 67 -10.80 2.03 -4.35
CA VAL A 67 -11.46 2.74 -3.25
C VAL A 67 -11.11 4.22 -3.32
N THR A 68 -12.15 5.06 -3.29
CA THR A 68 -11.97 6.49 -3.30
C THR A 68 -11.03 7.00 -2.20
N GLY A 69 -10.22 8.00 -2.54
CA GLY A 69 -9.35 8.67 -1.56
C GLY A 69 -10.05 9.79 -0.86
N THR A 70 -11.30 10.11 -1.24
CA THR A 70 -11.98 11.31 -0.72
C THR A 70 -12.10 11.28 0.80
N GLY A 71 -12.46 10.13 1.35
CA GLY A 71 -12.61 10.02 2.83
C GLY A 71 -11.28 10.29 3.53
N LEU A 72 -10.20 9.61 3.07
CA LEU A 72 -8.88 9.79 3.69
C LEU A 72 -8.42 11.25 3.57
N LEU A 73 -8.64 11.86 2.40
CA LEU A 73 -8.36 13.28 2.19
C LEU A 73 -9.05 14.17 3.20
N LYS A 74 -10.27 13.80 3.56
CA LYS A 74 -11.03 14.49 4.63
C LYS A 74 -10.41 14.26 6.02
N THR A 75 -10.00 13.02 6.30
CA THR A 75 -9.33 12.71 7.56
C THR A 75 -8.01 13.51 7.73
N LYS A 76 -7.47 14.03 6.62
CA LYS A 76 -6.11 14.61 6.59
C LYS A 76 -6.03 16.11 6.32
N LEU A 77 -6.96 16.65 5.55
CA LEU A 77 -7.11 18.09 5.41
C LEU A 77 -8.49 18.51 5.86
N PRO A 78 -8.65 18.81 7.16
CA PRO A 78 -9.92 19.35 7.65
C PRO A 78 -10.32 20.55 6.79
N GLY A 79 -11.57 20.59 6.34
CA GLY A 79 -12.04 21.70 5.52
C GLY A 79 -12.30 21.30 4.07
N VAL A 80 -11.56 20.33 3.57
CA VAL A 80 -11.85 19.76 2.24
C VAL A 80 -13.22 19.08 2.27
N LYS A 81 -13.98 19.26 1.20
CA LYS A 81 -15.27 18.58 1.09
C LYS A 81 -15.27 17.54 -0.02
N SER A 82 -15.88 16.39 0.26
CA SER A 82 -16.08 15.38 -0.79
C SER A 82 -17.29 15.75 -1.64
N VAL A 83 -17.26 15.41 -2.92
CA VAL A 83 -18.32 15.81 -3.85
C VAL A 83 -18.65 14.62 -4.78
N ILE A 84 -19.93 14.35 -5.00
CA ILE A 84 -20.35 13.28 -5.92
C ILE A 84 -21.77 13.62 -6.39
N SER A 85 -22.23 12.98 -7.45
CA SER A 85 -23.58 13.26 -7.93
C SER A 85 -24.64 12.79 -6.93
N LYS A 86 -25.75 13.55 -6.89
CA LYS A 86 -26.91 13.07 -6.12
C LYS A 86 -27.37 11.74 -6.68
N ALA A 87 -27.28 11.59 -7.99
CA ALA A 87 -27.82 10.41 -8.68
C ALA A 87 -27.09 9.11 -8.35
N SER A 88 -25.83 9.22 -7.90
CA SER A 88 -25.07 8.02 -7.57
C SER A 88 -25.63 7.26 -6.40
N GLY A 89 -26.36 7.97 -5.53
CA GLY A 89 -26.80 7.35 -4.27
C GLY A 89 -25.74 7.20 -3.20
N SER A 90 -24.52 7.71 -3.45
CA SER A 90 -23.39 7.56 -2.54
CA SER A 90 -23.45 7.52 -2.48
C SER A 90 -23.43 8.68 -1.51
N LYS A 91 -22.72 8.49 -0.39
CA LYS A 91 -22.52 9.51 0.59
C LYS A 91 -21.38 10.46 0.19
N ALA A 92 -21.53 11.75 0.43
CA ALA A 92 -20.49 12.76 0.26
C ALA A 92 -20.90 14.00 0.99
N ASP A 93 -19.98 14.92 1.16
CA ASP A 93 -20.33 16.21 1.81
C ASP A 93 -21.25 17.07 0.94
N LEU A 94 -21.06 17.00 -0.38
CA LEU A 94 -21.78 17.87 -1.32
C LEU A 94 -22.27 17.01 -2.48
N PHE A 95 -23.55 17.17 -2.81
CA PHE A 95 -24.11 16.42 -3.94
C PHE A 95 -24.35 17.36 -5.10
N LEU A 96 -24.15 16.82 -6.28
CA LEU A 96 -24.25 17.61 -7.48
C LEU A 96 -25.46 17.20 -8.30
N GLU A 97 -26.10 18.22 -8.88
CA GLU A 97 -27.16 18.00 -9.87
C GLU A 97 -26.64 18.47 -11.25
N PRO A 98 -27.21 17.94 -12.33
CA PRO A 98 -26.80 18.44 -13.65
C PRO A 98 -27.01 19.95 -13.74
N GLY A 99 -26.07 20.66 -14.35
CA GLY A 99 -26.09 22.12 -14.41
C GLY A 99 -25.42 22.85 -13.28
N ASP A 100 -25.07 22.16 -12.21
CA ASP A 100 -24.29 22.78 -11.13
C ASP A 100 -22.93 23.22 -11.65
N LYS A 101 -22.35 24.19 -10.97
CA LYS A 101 -20.97 24.62 -11.22
C LYS A 101 -20.19 24.51 -9.95
N VAL A 102 -18.91 24.11 -10.07
CA VAL A 102 -18.02 23.97 -8.93
C VAL A 102 -16.92 24.99 -9.18
N SER A 103 -16.62 25.83 -8.19
CA SER A 103 -15.62 26.91 -8.35
C SER A 103 -14.36 26.72 -7.53
N ILE A 104 -13.22 27.02 -8.16
CA ILE A 104 -11.92 27.10 -7.47
C ILE A 104 -11.32 28.40 -7.91
N GLY A 105 -11.37 29.40 -7.02
CA GLY A 105 -11.01 30.78 -7.39
C GLY A 105 -11.81 31.21 -8.61
N ASP A 106 -11.12 31.67 -9.65
CA ASP A 106 -11.81 32.13 -10.87
C ASP A 106 -12.13 31.03 -11.86
N ILE A 107 -11.66 29.81 -11.58
CA ILE A 107 -11.93 28.70 -12.49
C ILE A 107 -13.20 28.00 -12.07
N TYR A 108 -14.02 27.63 -13.05
CA TYR A 108 -15.15 26.77 -12.67
C TYR A 108 -15.34 25.56 -13.60
N LEU A 109 -16.03 24.56 -13.06
CA LEU A 109 -16.37 23.34 -13.79
C LEU A 109 -17.90 23.25 -13.81
N GLU A 110 -18.42 22.95 -14.99
CA GLU A 110 -19.84 22.65 -15.21
C GLU A 110 -20.06 21.13 -15.04
N VAL A 111 -21.20 20.75 -14.47
CA VAL A 111 -21.51 19.33 -14.24
C VAL A 111 -22.54 18.92 -15.27
N ARG A 112 -22.19 17.98 -16.13
CA ARG A 112 -23.13 17.37 -17.06
C ARG A 112 -23.45 15.93 -16.66
N ALA A 113 -24.73 15.60 -16.67
CA ALA A 113 -25.10 14.26 -16.29
C ALA A 113 -24.82 13.35 -17.46
N THR A 114 -23.98 12.35 -17.25
CA THR A 114 -23.66 11.43 -18.32
C THR A 114 -23.80 9.95 -17.86
N PRO A 115 -24.98 9.57 -17.35
CA PRO A 115 -25.17 8.19 -16.90
C PRO A 115 -25.09 7.19 -18.04
N GLY A 116 -24.83 5.94 -17.64
CA GLY A 116 -24.82 4.83 -18.59
C GLY A 116 -23.87 3.73 -18.13
N HIS A 117 -22.62 4.10 -17.82
CA HIS A 117 -21.73 3.18 -17.09
C HIS A 117 -22.35 2.87 -15.72
N THR A 118 -22.78 3.92 -15.01
CA THR A 118 -23.58 3.81 -13.79
C THR A 118 -24.69 4.85 -13.90
N ALA A 119 -25.63 4.80 -12.97
CA ALA A 119 -26.67 5.84 -12.95
C ALA A 119 -26.19 7.21 -12.43
N GLY A 120 -25.03 7.17 -11.77
CA GLY A 120 -24.51 8.36 -11.09
C GLY A 120 -23.41 9.11 -11.83
N CYS A 121 -23.07 8.66 -13.05
CA CYS A 121 -21.93 9.30 -13.72
C CYS A 121 -22.20 10.74 -14.10
N VAL A 122 -21.20 11.59 -13.85
CA VAL A 122 -21.20 12.94 -14.45
C VAL A 122 -19.88 13.19 -15.15
N THR A 123 -19.92 14.21 -16.02
CA THR A 123 -18.73 14.70 -16.70
C THR A 123 -18.51 16.12 -16.22
N TYR A 124 -17.30 16.42 -15.78
CA TYR A 124 -16.94 17.80 -15.35
C TYR A 124 -16.26 18.49 -16.52
N VAL A 125 -16.78 19.66 -16.89
CA VAL A 125 -16.20 20.38 -18.02
C VAL A 125 -15.80 21.81 -17.61
N THR A 126 -14.56 22.19 -17.90
CA THR A 126 -14.11 23.53 -17.52
C THR A 126 -15.04 24.54 -18.23
N GLY A 127 -15.16 25.72 -17.62
CA GLY A 127 -16.26 26.60 -17.97
C GLY A 127 -16.17 27.17 -19.35
N GLU A 128 -17.31 27.63 -19.85
CA GLU A 128 -17.28 28.18 -21.20
C GLU A 128 -17.09 29.70 -21.22
N GLY A 129 -17.13 30.32 -20.03
CA GLY A 129 -16.89 31.75 -19.87
C GLY A 129 -15.59 32.25 -20.49
N ALA A 130 -15.53 33.56 -20.71
CA ALA A 130 -14.47 34.20 -21.50
C ALA A 130 -13.07 34.08 -20.87
N ASP A 131 -13.02 34.05 -19.54
CA ASP A 131 -11.74 33.96 -18.84
C ASP A 131 -11.26 32.54 -18.54
N GLN A 132 -12.01 31.54 -19.01
CA GLN A 132 -11.75 30.13 -18.63
C GLN A 132 -10.72 29.45 -19.55
N PRO A 133 -10.18 28.29 -19.12
CA PRO A 133 -9.19 27.59 -19.98
C PRO A 133 -9.66 27.36 -21.41
N GLN A 134 -8.74 27.56 -22.36
CA GLN A 134 -8.96 27.19 -23.74
C GLN A 134 -7.80 26.32 -24.22
N PRO A 135 -8.10 25.15 -24.84
CA PRO A 135 -9.44 24.58 -25.11
C PRO A 135 -10.11 24.15 -23.79
N ARG A 136 -11.42 23.93 -23.83
CA ARG A 136 -12.12 23.37 -22.68
C ARG A 136 -11.61 21.95 -22.48
N MET A 137 -11.80 21.48 -21.25
CA MET A 137 -11.35 20.15 -20.83
C MET A 137 -12.52 19.42 -20.18
N ALA A 138 -12.76 18.20 -20.64
CA ALA A 138 -13.85 17.37 -20.17
C ALA A 138 -13.30 16.15 -19.47
N PHE A 139 -13.69 16.01 -18.21
CA PHE A 139 -13.30 14.85 -17.36
C PHE A 139 -14.47 13.92 -17.39
N THR A 140 -14.31 12.90 -18.21
CA THR A 140 -15.46 12.08 -18.68
C THR A 140 -15.66 10.82 -17.84
N GLY A 141 -14.88 10.63 -16.79
CA GLY A 141 -15.04 9.41 -16.00
C GLY A 141 -14.92 8.19 -16.86
N ASP A 142 -15.84 7.22 -16.68
CA ASP A 142 -15.82 5.99 -17.45
C ASP A 142 -16.89 6.05 -18.55
N ALA A 143 -17.46 7.23 -18.80
CA ALA A 143 -18.50 7.34 -19.85
C ALA A 143 -17.86 7.29 -21.24
N VAL A 144 -16.78 8.05 -21.43
CA VAL A 144 -16.00 7.98 -22.67
C VAL A 144 -14.58 7.71 -22.25
N LEU A 145 -14.01 6.66 -22.78
CA LEU A 145 -12.61 6.36 -22.62
C LEU A 145 -11.91 6.67 -23.94
N ILE A 146 -10.58 6.72 -23.93
CA ILE A 146 -9.88 7.01 -25.20
C ILE A 146 -9.97 5.74 -26.03
N ARG A 147 -10.70 5.87 -27.15
CA ARG A 147 -10.96 4.74 -28.04
C ARG A 147 -11.82 3.67 -27.36
N GLY A 148 -12.69 4.07 -26.45
CA GLY A 148 -13.60 3.10 -25.83
C GLY A 148 -14.64 3.70 -24.92
N CYS A 149 -15.10 2.91 -23.98
CA CYS A 149 -16.10 3.39 -23.01
C CYS A 149 -16.22 2.38 -21.89
N GLY A 150 -16.88 2.79 -20.82
CA GLY A 150 -17.01 1.91 -19.70
C GLY A 150 -18.03 0.79 -19.95
N ARG A 151 -17.96 -0.28 -19.16
CA ARG A 151 -18.94 -1.37 -19.25
C ARG A 151 -20.29 -0.89 -18.69
N THR A 152 -21.39 -1.51 -19.09
CA THR A 152 -22.70 -1.03 -18.67
C THR A 152 -23.56 -2.13 -18.01
N ASP A 153 -22.91 -3.26 -17.66
CA ASP A 153 -23.60 -4.40 -17.06
C ASP A 153 -23.68 -4.44 -15.53
N PHE A 154 -23.06 -3.47 -14.87
CA PHE A 154 -23.19 -3.34 -13.41
C PHE A 154 -23.64 -1.93 -13.01
N GLN A 155 -23.93 -1.75 -11.73
CA GLN A 155 -24.19 -0.43 -11.15
C GLN A 155 -25.32 0.34 -11.82
N GLU A 156 -26.34 -0.42 -12.28
CA GLU A 156 -27.54 0.14 -12.90
C GLU A 156 -27.23 0.79 -14.26
N GLY A 157 -26.15 0.35 -14.89
CA GLY A 157 -25.76 0.91 -16.19
C GLY A 157 -26.74 0.49 -17.28
N SER A 158 -26.55 1.08 -18.46
CA SER A 158 -27.41 0.87 -19.61
C SER A 158 -26.61 1.36 -20.82
N SER A 159 -26.41 0.48 -21.81
CA SER A 159 -25.79 0.91 -23.07
C SER A 159 -26.57 1.97 -23.82
N ASP A 160 -27.88 1.83 -23.83
CA ASP A 160 -28.71 2.81 -24.52
C ASP A 160 -28.50 4.20 -23.90
N GLN A 161 -28.53 4.26 -22.58
CA GLN A 161 -28.36 5.48 -21.83
C GLN A 161 -26.94 6.06 -22.05
N LEU A 162 -25.92 5.21 -21.99
CA LEU A 162 -24.55 5.67 -22.22
C LEU A 162 -24.44 6.35 -23.58
N TYR A 163 -24.96 5.68 -24.61
CA TYR A 163 -24.85 6.21 -25.96
C TYR A 163 -25.50 7.61 -26.03
N GLU A 164 -26.71 7.74 -25.46
CA GLU A 164 -27.43 9.01 -25.47
C GLU A 164 -26.67 10.11 -24.69
N SER A 165 -26.13 9.73 -23.52
CA SER A 165 -25.35 10.69 -22.69
C SER A 165 -24.15 11.24 -23.46
N VAL A 166 -23.43 10.35 -24.11
CA VAL A 166 -22.19 10.74 -24.78
C VAL A 166 -22.53 11.66 -25.97
N HIS A 167 -23.50 11.23 -26.78
CA HIS A 167 -23.86 12.04 -27.94
C HIS A 167 -24.51 13.38 -27.59
N SER A 168 -25.26 13.44 -26.50
CA SER A 168 -25.91 14.69 -26.16
C SER A 168 -25.07 15.63 -25.30
N GLN A 169 -24.17 15.07 -24.48
CA GLN A 169 -23.46 15.90 -23.52
C GLN A 169 -21.99 16.12 -23.80
N ILE A 170 -21.38 15.20 -24.55
CA ILE A 170 -19.93 15.28 -24.78
C ILE A 170 -19.64 15.63 -26.23
N PHE A 171 -20.32 14.96 -27.15
CA PHE A 171 -20.01 15.17 -28.55
C PHE A 171 -20.66 16.47 -29.03
N THR A 172 -21.39 17.17 -28.16
CA THR A 172 -21.94 18.50 -28.45
C THR A 172 -20.95 19.62 -28.07
N LEU A 173 -19.85 19.25 -27.40
CA LEU A 173 -18.83 20.21 -27.06
C LEU A 173 -17.95 20.52 -28.27
N PRO A 174 -17.26 21.67 -28.22
CA PRO A 174 -16.38 21.96 -29.34
C PRO A 174 -15.36 20.84 -29.61
N LYS A 175 -15.05 20.63 -30.87
CA LYS A 175 -14.21 19.53 -31.28
C LYS A 175 -12.79 19.54 -30.70
N ASP A 176 -12.27 20.71 -30.37
CA ASP A 176 -10.94 20.79 -29.77
C ASP A 176 -10.93 20.56 -28.25
N THR A 177 -12.10 20.37 -27.67
CA THR A 177 -12.22 20.10 -26.23
C THR A 177 -11.43 18.83 -25.89
N LEU A 178 -10.57 18.92 -24.87
CA LEU A 178 -9.78 17.74 -24.45
C LEU A 178 -10.61 16.74 -23.66
N ILE A 179 -10.37 15.44 -23.90
CA ILE A 179 -11.04 14.39 -23.15
C ILE A 179 -10.01 13.72 -22.24
N TYR A 180 -10.32 13.79 -20.93
CA TYR A 180 -9.48 13.22 -19.84
C TYR A 180 -10.31 12.18 -19.08
N PRO A 181 -10.12 10.88 -19.40
CA PRO A 181 -10.96 9.80 -18.86
C PRO A 181 -10.49 9.36 -17.45
N ALA A 182 -11.30 8.56 -16.78
CA ALA A 182 -10.93 8.05 -15.46
C ALA A 182 -9.99 6.87 -15.53
N HIS A 183 -9.96 6.18 -16.66
CA HIS A 183 -9.06 5.03 -16.84
C HIS A 183 -8.50 4.97 -18.23
N ASP A 184 -7.37 4.27 -18.34
CA ASP A 184 -6.84 3.89 -19.66
C ASP A 184 -6.00 2.68 -19.50
N TYR A 185 -6.19 1.74 -20.44
CA TYR A 185 -5.53 0.44 -20.37
C TYR A 185 -4.52 0.19 -21.50
N LYS A 186 -4.27 1.20 -22.33
CA LYS A 186 -3.39 1.09 -23.48
C LYS A 186 -2.15 1.98 -23.40
N GLY A 187 -2.03 2.79 -22.35
CA GLY A 187 -0.90 3.72 -22.26
C GLY A 187 -1.20 5.08 -22.84
N PHE A 188 -2.49 5.35 -23.14
CA PHE A 188 -2.86 6.67 -23.66
C PHE A 188 -3.34 7.56 -22.53
N GLU A 189 -3.27 8.88 -22.73
CA GLU A 189 -3.52 9.83 -21.63
C GLU A 189 -4.57 10.91 -21.92
N VAL A 190 -4.72 11.29 -23.19
CA VAL A 190 -5.66 12.36 -23.57
C VAL A 190 -6.19 12.12 -24.97
N SER A 191 -7.37 12.65 -25.22
CA SER A 191 -7.87 12.68 -26.59
C SER A 191 -8.61 14.00 -26.75
N THR A 192 -9.36 14.13 -27.85
CA THR A 192 -10.23 15.30 -28.00
C THR A 192 -11.60 14.86 -28.45
N VAL A 193 -12.59 15.74 -28.28
CA VAL A 193 -13.95 15.40 -28.77
C VAL A 193 -13.93 15.07 -30.27
N GLY A 194 -13.24 15.90 -31.05
CA GLY A 194 -13.16 15.62 -32.49
C GLY A 194 -12.51 14.32 -32.83
N GLU A 195 -11.44 13.98 -32.10
CA GLU A 195 -10.74 12.76 -32.35
C GLU A 195 -11.62 11.54 -32.01
N GLU A 196 -12.34 11.58 -30.88
CA GLU A 196 -13.20 10.47 -30.49
C GLU A 196 -14.42 10.33 -31.43
N MET A 197 -14.93 11.45 -31.92
CA MET A 197 -16.06 11.40 -32.89
C MET A 197 -15.63 10.79 -34.21
N GLN A 198 -14.34 10.90 -34.52
CA GLN A 198 -13.78 10.32 -35.73
C GLN A 198 -13.35 8.86 -35.53
N HIS A 199 -12.74 8.56 -34.37
CA HIS A 199 -12.05 7.29 -34.20
C HIS A 199 -12.53 6.33 -33.10
N ASN A 200 -13.41 6.77 -32.19
CA ASN A 200 -13.84 5.86 -31.09
C ASN A 200 -14.65 4.65 -31.66
N PRO A 201 -14.11 3.44 -31.53
CA PRO A 201 -14.78 2.32 -32.22
C PRO A 201 -16.10 1.91 -31.60
N ARG A 202 -16.36 2.35 -30.37
CA ARG A 202 -17.62 2.05 -29.72
C ARG A 202 -18.69 3.08 -30.09
N LEU A 203 -18.36 4.34 -29.83
CA LEU A 203 -19.37 5.40 -29.80
C LEU A 203 -19.63 6.03 -31.18
N THR A 204 -18.88 5.60 -32.19
CA THR A 204 -19.11 6.06 -33.57
C THR A 204 -19.96 5.04 -34.34
N LYS A 205 -20.26 3.90 -33.72
CA LYS A 205 -21.26 2.96 -34.30
C LYS A 205 -22.65 3.55 -34.09
N ASP A 206 -23.62 3.12 -34.90
CA ASP A 206 -24.99 3.52 -34.64
C ASP A 206 -25.46 2.89 -33.34
N LYS A 207 -26.50 3.50 -32.76
CA LYS A 207 -26.90 3.14 -31.40
C LYS A 207 -27.17 1.65 -31.25
N GLU A 208 -27.92 1.06 -32.17
CA GLU A 208 -28.22 -0.36 -32.00
C GLU A 208 -27.03 -1.28 -32.27
N THR A 209 -26.12 -0.90 -33.15
CA THR A 209 -24.91 -1.67 -33.30
C THR A 209 -24.06 -1.64 -32.00
N PHE A 210 -23.90 -0.42 -31.45
CA PHE A 210 -23.20 -0.26 -30.16
C PHE A 210 -23.85 -1.15 -29.12
N LYS A 211 -25.18 -1.10 -29.00
CA LYS A 211 -25.80 -1.95 -27.99
C LYS A 211 -25.54 -3.46 -28.17
N THR A 212 -25.61 -3.91 -29.43
CA THR A 212 -25.34 -5.32 -29.71
C THR A 212 -23.89 -5.70 -29.37
N ILE A 213 -22.93 -4.86 -29.82
CA ILE A 213 -21.54 -5.18 -29.58
C ILE A 213 -21.29 -5.24 -28.06
N MET A 214 -21.78 -4.22 -27.36
CA MET A 214 -21.59 -4.19 -25.90
C MET A 214 -22.16 -5.42 -25.20
N SER A 215 -23.35 -5.82 -25.62
CA SER A 215 -24.03 -6.93 -24.97
C SER A 215 -23.29 -8.27 -25.10
N ASN A 216 -22.41 -8.39 -26.10
CA ASN A 216 -21.74 -9.65 -26.38
C ASN A 216 -20.25 -9.74 -26.00
N LEU A 217 -19.71 -8.74 -25.30
CA LEU A 217 -18.26 -8.74 -25.00
C LEU A 217 -17.77 -9.83 -24.04
N ASN A 218 -18.68 -10.42 -23.26
CA ASN A 218 -18.32 -11.53 -22.34
C ASN A 218 -17.22 -11.13 -21.35
N LEU A 219 -17.31 -9.89 -20.85
CA LEU A 219 -16.37 -9.43 -19.81
C LEU A 219 -16.45 -10.30 -18.57
N SER A 220 -15.29 -10.53 -17.95
CA SER A 220 -15.18 -11.21 -16.66
C SER A 220 -15.89 -10.41 -15.55
N TYR A 221 -16.21 -11.08 -14.45
CA TYR A 221 -16.73 -10.37 -13.27
C TYR A 221 -15.69 -9.34 -12.80
N PRO A 222 -16.13 -8.10 -12.49
CA PRO A 222 -15.18 -7.05 -12.03
C PRO A 222 -14.50 -7.51 -10.72
N LYS A 223 -13.17 -7.59 -10.74
CA LYS A 223 -12.38 -8.21 -9.64
C LYS A 223 -12.52 -7.54 -8.26
N MET A 224 -12.80 -6.24 -8.26
CA MET A 224 -12.83 -5.45 -7.02
C MET A 224 -14.22 -4.94 -6.63
N ILE A 225 -15.24 -5.23 -7.44
CA ILE A 225 -16.51 -4.49 -7.28
C ILE A 225 -17.19 -4.78 -5.94
N ASP A 226 -17.07 -6.02 -5.45
CA ASP A 226 -17.71 -6.41 -4.20
C ASP A 226 -17.16 -5.69 -2.96
N VAL A 227 -15.92 -5.22 -3.06
CA VAL A 227 -15.21 -4.44 -2.04
C VAL A 227 -15.33 -2.93 -2.32
N ALA A 228 -15.09 -2.54 -3.57
CA ALA A 228 -15.02 -1.14 -3.91
C ALA A 228 -16.35 -0.38 -3.83
N VAL A 229 -17.41 -0.98 -4.36
CA VAL A 229 -18.68 -0.27 -4.35
C VAL A 229 -19.18 -0.01 -2.93
N PRO A 230 -19.23 -1.05 -2.06
CA PRO A 230 -19.62 -0.72 -0.67
C PRO A 230 -18.75 0.34 -0.01
N ALA A 231 -17.42 0.28 -0.20
CA ALA A 231 -16.52 1.23 0.43
C ALA A 231 -16.81 2.65 -0.13
N ASN A 232 -17.04 2.73 -1.44
CA ASN A 232 -17.23 4.02 -2.08
C ASN A 232 -18.60 4.62 -1.79
N MET A 233 -19.57 3.75 -1.51
CA MET A 233 -20.90 4.24 -1.13
C MET A 233 -20.88 4.96 0.22
N VAL A 234 -19.82 4.73 1.04
CA VAL A 234 -19.67 5.41 2.32
C VAL A 234 -18.47 6.36 2.32
N GLY A 236 -15.43 6.10 1.32
CA GLY A 236 -14.12 5.53 1.66
C GLY A 236 -13.76 5.68 3.13
N LEU A 237 -14.78 5.87 3.99
CA LEU A 237 -14.55 6.10 5.42
C LEU A 237 -14.62 4.78 6.19
N GLN A 238 -14.05 4.78 7.40
CA GLN A 238 -14.10 3.63 8.29
C GLN A 238 -15.06 3.92 9.42
N ASP A 239 -15.53 2.87 10.09
CA ASP A 239 -16.49 3.07 11.18
C ASP A 239 -15.83 3.04 12.58
N VAL A 240 -14.51 3.05 12.60
CA VAL A 240 -13.70 3.14 13.83
CA VAL A 240 -13.72 3.17 13.84
C VAL A 240 -12.69 4.30 13.68
N PRO A 241 -12.40 5.04 14.77
CA PRO A 241 -11.39 6.13 14.67
C PRO A 241 -10.06 5.59 14.20
N SER A 242 -9.29 6.39 13.48
CA SER A 242 -7.99 5.94 12.99
C SER A 242 -7.03 5.70 14.15
N GLN A 243 -6.10 4.78 13.91
CA GLN A 243 -5.02 4.51 14.84
C GLN A 243 -3.73 5.09 14.31
N ALA A 244 -2.84 5.49 15.22
CA ALA A 244 -1.45 5.88 14.92
C ALA A 244 -1.38 7.12 14.02
N MET B 1 3.10 26.80 -37.81
CA MET B 1 3.26 25.47 -37.14
C MET B 1 2.14 25.19 -36.13
N LYS B 2 1.67 23.94 -36.12
CA LYS B 2 0.64 23.53 -35.19
C LYS B 2 1.08 22.20 -34.62
N LEU B 3 1.36 22.20 -33.31
CA LEU B 3 1.94 21.02 -32.68
C LEU B 3 0.86 20.05 -32.23
N LEU B 4 0.94 18.80 -32.68
CA LEU B 4 0.19 17.73 -32.06
C LEU B 4 1.20 16.99 -31.16
N PHE B 5 0.83 16.82 -29.90
CA PHE B 5 1.76 16.24 -28.92
C PHE B 5 1.06 15.18 -28.11
N ARG B 6 1.63 13.98 -28.01
CA ARG B 6 1.11 12.95 -27.10
C ARG B 6 2.22 12.31 -26.32
N GLN B 7 1.94 12.07 -25.06
CA GLN B 7 2.76 11.25 -24.19
C GLN B 7 2.11 9.86 -24.06
N LEU B 8 2.87 8.80 -24.30
CA LEU B 8 2.36 7.41 -24.31
C LEU B 8 3.17 6.63 -23.32
N PHE B 9 2.55 5.66 -22.65
CA PHE B 9 3.21 4.95 -21.57
C PHE B 9 3.31 3.47 -21.87
N GLU B 10 4.45 2.85 -21.53
CA GLU B 10 4.66 1.40 -21.73
C GLU B 10 4.77 0.80 -20.32
N ASN B 11 3.73 0.07 -19.90
CA ASN B 11 3.67 -0.37 -18.49
CA ASN B 11 3.58 -0.50 -18.55
C ASN B 11 4.74 -1.36 -18.03
N GLU B 12 5.28 -2.21 -18.92
CA GLU B 12 6.29 -3.19 -18.45
C GLU B 12 7.55 -2.48 -17.97
N SER B 13 7.99 -1.48 -18.69
CA SER B 13 9.21 -0.77 -18.32
C SER B 13 8.99 0.65 -17.73
N SER B 14 7.73 1.06 -17.62
CA SER B 14 7.35 2.41 -17.12
C SER B 14 7.99 3.53 -17.97
N THR B 15 8.08 3.31 -19.28
CA THR B 15 8.73 4.24 -20.22
C THR B 15 7.67 5.16 -20.84
N PHE B 16 8.03 6.44 -20.98
CA PHE B 16 7.26 7.37 -21.80
C PHE B 16 7.86 7.51 -23.19
N THR B 17 6.99 7.29 -24.17
CA THR B 17 7.25 7.63 -25.57
C THR B 17 6.52 8.87 -25.94
N TYR B 18 7.17 9.73 -26.68
CA TYR B 18 6.56 11.04 -27.04
C TYR B 18 6.36 11.12 -28.56
N LEU B 19 5.13 11.48 -28.95
CA LEU B 19 4.80 11.73 -30.36
C LEU B 19 4.64 13.23 -30.56
N LEU B 20 5.40 13.78 -31.51
CA LEU B 20 5.30 15.18 -31.87
C LEU B 20 5.03 15.23 -33.38
N ALA B 21 4.11 16.10 -33.80
CA ALA B 21 3.86 16.25 -35.26
C ALA B 21 3.53 17.70 -35.57
N ASP B 22 3.90 18.13 -36.78
CA ASP B 22 3.49 19.46 -37.27
C ASP B 22 2.32 19.26 -38.21
N VAL B 23 1.13 19.42 -37.66
CA VAL B 23 -0.06 19.10 -38.42
C VAL B 23 -0.47 20.22 -39.37
N SER B 24 0.30 21.31 -39.41
CA SER B 24 0.13 22.42 -40.40
C SER B 24 0.87 22.14 -41.74
N HIS B 25 1.81 21.20 -41.74
CA HIS B 25 2.54 20.82 -42.93
C HIS B 25 1.72 19.80 -43.70
N PRO B 26 1.73 19.85 -45.06
CA PRO B 26 0.87 18.90 -45.83
C PRO B 26 1.12 17.38 -45.60
N ASP B 27 2.33 17.01 -45.19
CA ASP B 27 2.65 15.61 -44.85
C ASP B 27 2.23 15.22 -43.41
N LYS B 28 1.88 16.20 -42.57
CA LYS B 28 1.74 15.98 -41.10
C LYS B 28 2.92 15.15 -40.55
N PRO B 29 4.14 15.65 -40.74
CA PRO B 29 5.35 14.90 -40.39
C PRO B 29 5.44 14.77 -38.86
N ALA B 30 5.94 13.60 -38.45
CA ALA B 30 5.95 13.29 -37.01
C ALA B 30 7.25 12.63 -36.62
N LEU B 31 7.52 12.69 -35.33
CA LEU B 31 8.64 11.91 -34.82
C LEU B 31 8.15 11.25 -33.50
N LEU B 32 8.86 10.19 -33.15
CA LEU B 32 8.70 9.52 -31.85
C LEU B 32 10.02 9.65 -31.07
N ILE B 33 9.89 9.95 -29.78
CA ILE B 33 11.03 9.92 -28.87
C ILE B 33 10.88 8.72 -27.91
N ASP B 34 11.94 7.90 -27.82
CA ASP B 34 11.92 6.72 -26.96
C ASP B 34 10.79 5.73 -27.21
N PRO B 35 10.64 5.29 -28.46
CA PRO B 35 9.65 4.24 -28.74
C PRO B 35 10.11 2.88 -28.26
N VAL B 36 9.19 2.04 -27.83
CA VAL B 36 9.52 0.72 -27.21
C VAL B 36 9.02 -0.41 -28.14
N ASP B 37 9.82 -1.47 -28.26
CA ASP B 37 9.44 -2.55 -29.19
C ASP B 37 8.02 -3.07 -28.95
N LYS B 38 7.64 -3.24 -27.67
CA LYS B 38 6.34 -3.83 -27.30
C LYS B 38 5.14 -3.03 -27.80
N THR B 39 5.33 -1.73 -27.97
CA THR B 39 4.23 -0.85 -28.28
C THR B 39 4.34 -0.28 -29.71
N VAL B 40 5.18 -0.89 -30.54
CA VAL B 40 5.27 -0.45 -31.94
C VAL B 40 3.93 -0.52 -32.68
N ASP B 41 3.17 -1.59 -32.50
CA ASP B 41 1.91 -1.69 -33.21
C ASP B 41 0.91 -0.60 -32.79
N ARG B 42 0.86 -0.33 -31.47
CA ARG B 42 0.02 0.72 -30.93
C ARG B 42 0.44 2.06 -31.54
N ASP B 43 1.75 2.34 -31.54
CA ASP B 43 2.21 3.64 -32.01
C ASP B 43 1.90 3.80 -33.51
N LEU B 44 2.11 2.74 -34.29
CA LEU B 44 1.78 2.81 -35.71
C LEU B 44 0.29 2.99 -35.99
N LYS B 45 -0.54 2.33 -35.19
CA LYS B 45 -1.99 2.46 -35.36
C LYS B 45 -2.45 3.91 -35.06
N LEU B 46 -1.87 4.52 -34.04
CA LEU B 46 -2.21 5.89 -33.69
C LEU B 46 -1.73 6.85 -34.77
N ILE B 47 -0.52 6.60 -35.26
CA ILE B 47 0.02 7.42 -36.32
C ILE B 47 -0.88 7.32 -37.58
N ASP B 48 -1.28 6.09 -37.89
CA ASP B 48 -2.22 5.92 -39.02
C ASP B 48 -3.57 6.64 -38.80
N GLU B 49 -4.18 6.46 -37.63
CA GLU B 49 -5.46 7.12 -37.35
C GLU B 49 -5.36 8.64 -37.48
N LEU B 50 -4.27 9.22 -37.00
CA LEU B 50 -4.13 10.67 -37.02
C LEU B 50 -3.62 11.22 -38.37
N GLY B 51 -3.32 10.30 -39.28
CA GLY B 51 -2.93 10.67 -40.64
C GLY B 51 -1.55 11.33 -40.72
N LEU B 52 -0.63 10.87 -39.86
CA LEU B 52 0.69 11.47 -39.76
C LEU B 52 1.71 10.71 -40.61
N LYS B 53 2.79 11.39 -40.94
CA LYS B 53 3.89 10.76 -41.67
C LYS B 53 5.10 10.66 -40.72
N LEU B 54 5.40 9.44 -40.27
CA LEU B 54 6.51 9.25 -39.34
C LEU B 54 7.83 9.46 -40.10
N ILE B 55 8.62 10.40 -39.60
CA ILE B 55 9.91 10.72 -40.18
C ILE B 55 11.08 10.12 -39.38
N TYR B 56 11.06 10.36 -38.07
CA TYR B 56 12.17 9.98 -37.18
C TYR B 56 11.68 9.14 -36.02
N ALA B 57 12.50 8.18 -35.61
CA ALA B 57 12.30 7.45 -34.36
C ALA B 57 13.58 7.67 -33.58
N MET B 58 13.51 8.43 -32.48
CA MET B 58 14.70 8.96 -31.83
C MET B 58 14.81 8.40 -30.43
N ASN B 59 16.04 8.29 -29.94
CA ASN B 59 16.27 7.89 -28.54
C ASN B 59 17.01 8.97 -27.79
N THR B 60 16.61 9.17 -26.53
CA THR B 60 17.38 10.07 -25.70
C THR B 60 18.76 9.50 -25.33
N HIS B 61 18.80 8.17 -25.26
CA HIS B 61 20.01 7.45 -24.85
C HIS B 61 19.80 5.98 -25.17
N VAL B 62 20.86 5.19 -24.91
CA VAL B 62 20.76 3.76 -24.99
C VAL B 62 20.06 3.24 -23.73
N HIS B 63 18.92 2.60 -23.93
CA HIS B 63 18.10 2.20 -22.80
C HIS B 63 18.59 0.89 -22.18
N ALA B 64 18.53 0.85 -20.86
CA ALA B 64 18.93 -0.38 -20.12
C ALA B 64 17.72 -1.23 -19.71
N ASP B 65 16.50 -0.71 -19.86
CA ASP B 65 15.30 -1.26 -19.22
C ASP B 65 14.27 -1.82 -20.19
N HIS B 66 14.46 -1.52 -21.48
CA HIS B 66 13.55 -1.99 -22.52
C HIS B 66 14.33 -2.01 -23.84
N VAL B 67 13.78 -2.70 -24.81
CA VAL B 67 14.37 -2.74 -26.15
C VAL B 67 13.71 -1.69 -27.02
N THR B 68 14.54 -0.92 -27.69
CA THR B 68 14.09 0.17 -28.57
C THR B 68 13.14 -0.35 -29.66
N GLY B 69 12.12 0.46 -29.97
CA GLY B 69 11.20 0.13 -31.07
C GLY B 69 11.69 0.70 -32.39
N THR B 70 12.82 1.40 -32.38
CA THR B 70 13.35 2.03 -33.63
C THR B 70 13.55 1.05 -34.79
N GLY B 71 14.13 -0.11 -34.48
CA GLY B 71 14.42 -1.09 -35.53
C GLY B 71 13.14 -1.65 -36.13
N LEU B 72 12.18 -2.00 -35.28
CA LEU B 72 10.88 -2.49 -35.74
C LEU B 72 10.15 -1.42 -36.53
N LEU B 73 10.21 -0.17 -36.09
CA LEU B 73 9.55 0.90 -36.83
C LEU B 73 10.12 1.05 -38.24
N LYS B 74 11.44 0.95 -38.35
CA LYS B 74 12.11 1.05 -39.66
C LYS B 74 11.72 -0.13 -40.55
N THR B 75 11.54 -1.28 -39.95
CA THR B 75 11.10 -2.48 -40.68
C THR B 75 9.69 -2.31 -41.26
N LYS B 76 8.78 -1.83 -40.43
CA LYS B 76 7.37 -1.68 -40.81
C LYS B 76 7.13 -0.48 -41.71
N LEU B 77 7.97 0.55 -41.55
CA LEU B 77 7.78 1.80 -42.28
C LEU B 77 9.08 2.18 -42.92
N PRO B 78 9.39 1.52 -44.05
CA PRO B 78 10.64 1.80 -44.70
C PRO B 78 10.72 3.30 -44.97
N GLY B 79 11.85 3.89 -44.64
CA GLY B 79 12.01 5.31 -44.89
C GLY B 79 12.15 6.10 -43.60
N VAL B 80 11.57 5.56 -42.52
CA VAL B 80 11.77 6.12 -41.18
C VAL B 80 13.26 6.02 -40.85
N LYS B 81 13.81 7.06 -40.23
CA LYS B 81 15.23 7.04 -39.82
C LYS B 81 15.33 7.00 -38.31
N SER B 82 16.18 6.11 -37.81
CA SER B 82 16.48 6.12 -36.38
C SER B 82 17.52 7.19 -36.09
N VAL B 83 17.46 7.78 -34.90
CA VAL B 83 18.29 8.89 -34.51
C VAL B 83 18.78 8.67 -33.08
N ILE B 84 20.05 8.92 -32.84
CA ILE B 84 20.61 8.83 -31.46
C ILE B 84 21.90 9.64 -31.39
N SER B 85 22.37 9.94 -30.19
CA SER B 85 23.59 10.72 -30.10
C SER B 85 24.81 9.98 -30.64
N LYS B 86 25.71 10.76 -31.23
CA LYS B 86 27.01 10.19 -31.62
C LYS B 86 27.73 9.65 -30.38
N ALA B 87 27.61 10.36 -29.25
CA ALA B 87 28.30 9.97 -28.00
C ALA B 87 27.83 8.64 -27.44
N SER B 88 26.67 8.16 -27.88
CA SER B 88 26.14 6.89 -27.35
C SER B 88 26.90 5.66 -27.82
N GLY B 89 27.58 5.78 -28.96
CA GLY B 89 28.27 4.62 -29.54
C GLY B 89 27.37 3.54 -30.14
N SER B 90 26.08 3.86 -30.32
CA SER B 90 25.13 2.89 -30.86
CA SER B 90 25.07 2.92 -30.84
C SER B 90 24.91 3.13 -32.34
N LYS B 91 24.34 2.14 -33.01
CA LYS B 91 24.02 2.23 -34.43
C LYS B 91 22.74 3.03 -34.57
N ALA B 92 22.68 3.89 -35.60
CA ALA B 92 21.44 4.60 -36.00
C ALA B 92 21.62 5.13 -37.41
N ASP B 93 20.50 5.50 -38.04
CA ASP B 93 20.58 6.18 -39.36
C ASP B 93 21.20 7.57 -39.30
N LEU B 94 20.97 8.28 -38.20
CA LEU B 94 21.38 9.65 -38.04
C LEU B 94 21.95 9.82 -36.63
N PHE B 95 23.15 10.37 -36.54
CA PHE B 95 23.77 10.74 -35.27
C PHE B 95 23.72 12.21 -35.02
N LEU B 96 23.52 12.55 -33.74
CA LEU B 96 23.45 13.91 -33.24
C LEU B 96 24.63 14.29 -32.38
N GLU B 97 25.08 15.51 -32.61
CA GLU B 97 26.06 16.26 -31.81
C GLU B 97 25.37 17.35 -31.01
N PRO B 98 25.98 17.78 -29.88
CA PRO B 98 25.45 18.88 -29.09
C PRO B 98 25.27 20.13 -29.97
N GLY B 99 24.11 20.78 -29.86
CA GLY B 99 23.80 21.92 -30.71
C GLY B 99 23.10 21.57 -32.00
N ASP B 100 23.08 20.31 -32.40
CA ASP B 100 22.32 19.96 -33.59
C ASP B 100 20.83 20.28 -33.45
N LYS B 101 20.17 20.46 -34.59
CA LYS B 101 18.72 20.62 -34.68
C LYS B 101 18.10 19.47 -35.47
N VAL B 102 16.88 19.10 -35.09
CA VAL B 102 16.09 18.08 -35.81
C VAL B 102 14.77 18.79 -36.12
N SER B 103 14.30 18.74 -37.35
CA SER B 103 13.05 19.45 -37.71
C SER B 103 12.04 18.52 -38.38
N ILE B 104 10.77 18.83 -38.13
CA ILE B 104 9.66 18.12 -38.80
C ILE B 104 8.72 19.29 -39.19
N GLY B 105 8.61 19.54 -40.49
CA GLY B 105 7.87 20.73 -40.94
C GLY B 105 8.50 21.96 -40.28
N ASP B 106 7.67 22.79 -39.68
CA ASP B 106 8.14 24.02 -39.06
C ASP B 106 8.59 23.85 -37.60
N ILE B 107 8.37 22.65 -37.06
CA ILE B 107 8.71 22.32 -35.67
CA ILE B 107 8.75 22.43 -35.66
C ILE B 107 10.17 21.89 -35.60
N TYR B 108 10.92 22.40 -34.66
CA TYR B 108 12.26 21.85 -34.49
C TYR B 108 12.62 21.62 -33.02
N LEU B 109 13.57 20.71 -32.82
CA LEU B 109 14.18 20.42 -31.50
C LEU B 109 15.65 20.74 -31.56
N GLU B 110 16.13 21.32 -30.47
CA GLU B 110 17.57 21.50 -30.17
C GLU B 110 18.06 20.28 -29.35
N VAL B 111 19.27 19.85 -29.67
CA VAL B 111 19.91 18.75 -28.95
C VAL B 111 20.91 19.31 -27.95
N ARG B 112 20.65 19.07 -26.64
CA ARG B 112 21.61 19.42 -25.59
C ARG B 112 22.26 18.12 -25.05
N ALA B 113 23.59 18.13 -24.96
CA ALA B 113 24.30 17.01 -24.43
C ALA B 113 24.08 17.05 -22.89
N THR B 114 23.50 15.96 -22.37
CA THR B 114 23.28 15.85 -20.93
C THR B 114 23.73 14.49 -20.39
N PRO B 115 25.00 14.09 -20.63
CA PRO B 115 25.47 12.78 -20.14
C PRO B 115 25.55 12.74 -18.61
N GLY B 116 25.60 11.53 -18.11
CA GLY B 116 25.77 11.28 -16.67
C GLY B 116 25.11 9.98 -16.29
N HIS B 117 23.84 9.82 -16.64
CA HIS B 117 23.20 8.51 -16.55
C HIS B 117 23.95 7.56 -17.48
N THR B 118 24.21 8.03 -18.70
CA THR B 118 25.11 7.32 -19.61
C THR B 118 25.97 8.36 -20.26
N ALA B 119 27.03 7.87 -20.91
CA ALA B 119 27.86 8.77 -21.73
C ALA B 119 27.16 9.42 -22.95
N GLY B 120 26.05 8.85 -23.37
CA GLY B 120 25.42 9.31 -24.60
C GLY B 120 24.12 10.06 -24.44
N CYS B 121 23.74 10.37 -23.20
CA CYS B 121 22.41 10.96 -23.02
C CYS B 121 22.34 12.36 -23.63
N VAL B 122 21.19 12.64 -24.28
CA VAL B 122 20.89 14.01 -24.68
C VAL B 122 19.51 14.37 -24.19
N THR B 123 19.23 15.68 -24.17
CA THR B 123 17.91 16.22 -23.87
C THR B 123 17.47 16.97 -25.13
N TYR B 124 16.26 16.66 -25.59
CA TYR B 124 15.69 17.33 -26.79
C TYR B 124 14.83 18.46 -26.26
N VAL B 125 15.10 19.69 -26.70
CA VAL B 125 14.33 20.83 -26.24
C VAL B 125 13.63 21.44 -27.45
N THR B 126 12.32 21.65 -27.32
CA THR B 126 11.61 22.36 -28.41
C THR B 126 12.27 23.71 -28.65
N GLY B 127 12.23 24.11 -29.92
CA GLY B 127 13.07 25.22 -30.36
C GLY B 127 12.62 26.60 -29.90
N GLU B 128 13.51 27.58 -30.08
CA GLU B 128 13.19 28.97 -29.78
C GLU B 128 12.49 29.61 -30.99
N GLY B 129 11.56 30.52 -30.71
CA GLY B 129 10.82 31.21 -31.77
C GLY B 129 9.34 31.30 -31.52
N ALA B 130 8.72 32.38 -32.04
CA ALA B 130 7.31 32.62 -31.80
C ALA B 130 6.43 31.52 -32.37
N ASP B 131 6.92 30.81 -33.38
CA ASP B 131 6.13 29.73 -33.95
C ASP B 131 6.37 28.38 -33.28
N GLN B 132 7.18 28.37 -32.22
CA GLN B 132 7.50 27.13 -31.48
C GLN B 132 6.63 27.01 -30.24
N PRO B 133 6.54 25.82 -29.64
CA PRO B 133 5.74 25.71 -28.42
C PRO B 133 6.15 26.69 -27.32
N GLN B 134 5.14 27.25 -26.62
CA GLN B 134 5.35 28.07 -25.44
CA GLN B 134 5.37 28.05 -25.41
C GLN B 134 4.43 27.58 -24.32
N PRO B 135 4.99 27.15 -23.15
CA PRO B 135 6.42 27.09 -22.80
C PRO B 135 7.19 26.06 -23.63
N ARG B 136 8.51 26.15 -23.54
CA ARG B 136 9.35 25.13 -24.18
C ARG B 136 9.15 23.83 -23.45
N MET B 137 9.50 22.75 -24.15
CA MET B 137 9.34 21.38 -23.58
C MET B 137 10.70 20.73 -23.70
N ALA B 138 11.16 20.16 -22.59
CA ALA B 138 12.43 19.45 -22.57
C ALA B 138 12.22 17.96 -22.30
N PHE B 139 12.67 17.11 -23.24
CA PHE B 139 12.57 15.65 -23.14
C PHE B 139 13.90 15.16 -22.58
N THR B 140 13.88 14.89 -21.27
CA THR B 140 15.12 14.79 -20.48
C THR B 140 15.62 13.38 -20.31
N GLY B 141 15.00 12.40 -20.96
CA GLY B 141 15.48 11.03 -20.80
C GLY B 141 15.49 10.63 -19.34
N ASP B 142 16.58 9.99 -18.94
CA ASP B 142 16.76 9.57 -17.53
C ASP B 142 17.70 10.52 -16.80
N ALA B 143 18.09 11.64 -17.41
CA ALA B 143 18.95 12.64 -16.75
C ALA B 143 18.22 13.32 -15.61
N VAL B 144 16.97 13.71 -15.87
CA VAL B 144 16.11 14.31 -14.85
C VAL B 144 14.81 13.57 -14.91
N LEU B 145 14.45 12.94 -13.79
CA LEU B 145 13.11 12.35 -13.66
C LEU B 145 12.27 13.30 -12.83
N ILE B 146 10.96 13.07 -12.77
CA ILE B 146 10.13 13.95 -11.95
C ILE B 146 10.46 13.59 -10.49
N ARG B 147 11.04 14.58 -9.80
CA ARG B 147 11.55 14.35 -8.44
C ARG B 147 12.57 13.25 -8.34
N GLY B 148 13.41 13.09 -9.36
CA GLY B 148 14.43 12.05 -9.29
C GLY B 148 15.46 12.21 -10.40
N CYS B 149 16.14 11.13 -10.66
CA CYS B 149 17.12 11.03 -11.75
C CYS B 149 17.56 9.58 -11.88
N GLY B 150 18.16 9.22 -13.02
CA GLY B 150 18.62 7.86 -13.22
C GLY B 150 19.93 7.58 -12.47
N ARG B 151 20.22 6.29 -12.38
CA ARG B 151 21.48 5.87 -11.74
C ARG B 151 22.66 6.17 -12.68
N THR B 152 23.85 6.27 -12.09
CA THR B 152 25.02 6.75 -12.83
C THR B 152 26.16 5.74 -12.80
N ASP B 153 25.89 4.53 -12.35
CA ASP B 153 26.95 3.53 -12.16
C ASP B 153 27.08 2.45 -13.27
N PHE B 154 26.27 2.59 -14.31
CA PHE B 154 26.30 1.72 -15.50
C PHE B 154 26.44 2.57 -16.77
N GLN B 155 26.69 1.89 -17.88
CA GLN B 155 26.65 2.55 -19.21
C GLN B 155 27.60 3.74 -19.28
N GLU B 156 28.74 3.59 -18.60
CA GLU B 156 29.76 4.61 -18.59
C GLU B 156 29.31 5.95 -18.01
N GLY B 157 28.32 5.88 -17.10
CA GLY B 157 27.85 7.08 -16.43
C GLY B 157 28.75 7.67 -15.36
N SER B 158 28.35 8.81 -14.82
CA SER B 158 29.12 9.59 -13.84
C SER B 158 28.22 10.56 -13.12
N SER B 159 28.20 10.50 -11.79
CA SER B 159 27.43 11.45 -11.01
CA SER B 159 27.42 11.45 -11.00
C SER B 159 27.88 12.89 -11.19
N ASP B 160 29.19 13.09 -11.21
CA ASP B 160 29.72 14.43 -11.39
C ASP B 160 29.25 15.05 -12.72
N GLN B 161 29.34 14.26 -13.78
CA GLN B 161 28.93 14.67 -15.13
C GLN B 161 27.41 14.90 -15.13
N LEU B 162 26.63 14.00 -14.50
CA LEU B 162 25.17 14.21 -14.48
C LEU B 162 24.84 15.56 -13.83
N TYR B 163 25.48 15.86 -12.70
CA TYR B 163 25.19 17.11 -12.03
C TYR B 163 25.52 18.32 -12.91
N GLU B 164 26.69 18.29 -13.55
CA GLU B 164 27.07 19.38 -14.43
C GLU B 164 26.10 19.48 -15.61
N SER B 165 25.74 18.36 -16.21
CA SER B 165 24.78 18.39 -17.33
C SER B 165 23.45 19.03 -16.92
N VAL B 166 22.89 18.57 -15.81
CA VAL B 166 21.60 19.12 -15.42
C VAL B 166 21.69 20.60 -15.13
N HIS B 167 22.73 20.99 -14.40
CA HIS B 167 22.78 22.39 -13.98
C HIS B 167 23.09 23.35 -15.14
N SER B 168 23.89 22.90 -16.10
CA SER B 168 24.28 23.74 -17.24
C SER B 168 23.29 23.74 -18.39
N GLN B 169 22.61 22.60 -18.57
CA GLN B 169 21.76 22.41 -19.77
C GLN B 169 20.29 22.47 -19.51
N ILE B 170 19.87 22.07 -18.31
CA ILE B 170 18.43 21.96 -18.04
C ILE B 170 17.98 23.10 -17.11
N PHE B 171 18.72 23.27 -16.01
CA PHE B 171 18.37 24.33 -15.07
C PHE B 171 18.67 25.73 -15.58
N THR B 172 19.27 25.85 -16.77
CA THR B 172 19.46 27.16 -17.40
C THR B 172 18.29 27.60 -18.28
N LEU B 173 17.36 26.67 -18.54
CA LEU B 173 16.17 26.97 -19.33
C LEU B 173 15.18 27.77 -18.49
N PRO B 174 14.24 28.49 -19.14
CA PRO B 174 13.24 29.23 -18.39
C PRO B 174 12.53 28.31 -17.38
N LYS B 175 12.17 28.84 -16.23
CA LYS B 175 11.57 28.01 -15.18
C LYS B 175 10.22 27.36 -15.55
N ASP B 176 9.49 27.94 -16.49
CA ASP B 176 8.21 27.38 -16.89
C ASP B 176 8.33 26.25 -17.92
N THR B 177 9.56 25.99 -18.36
CA THR B 177 9.81 24.92 -19.32
C THR B 177 9.30 23.61 -18.74
N LEU B 178 8.57 22.84 -19.55
CA LEU B 178 8.04 21.56 -19.08
C LEU B 178 9.14 20.51 -19.16
N ILE B 179 9.17 19.60 -18.17
CA ILE B 179 10.09 18.47 -18.20
CA ILE B 179 10.07 18.47 -18.10
C ILE B 179 9.26 17.20 -18.37
N TYR B 180 9.65 16.46 -19.42
CA TYR B 180 9.01 15.19 -19.85
C TYR B 180 10.07 14.12 -19.87
N PRO B 181 10.13 13.31 -18.82
CA PRO B 181 11.23 12.36 -18.68
C PRO B 181 10.95 11.07 -19.45
N ALA B 182 11.93 10.18 -19.52
CA ALA B 182 11.70 8.91 -20.21
C ALA B 182 11.04 7.84 -19.37
N HIS B 183 11.00 8.04 -18.04
CA HIS B 183 10.36 7.06 -17.16
C HIS B 183 9.72 7.77 -16.02
N ASP B 184 8.73 7.06 -15.42
CA ASP B 184 8.19 7.49 -14.13
C ASP B 184 7.64 6.26 -13.41
N TYR B 185 7.92 6.17 -12.10
CA TYR B 185 7.50 5.01 -11.33
C TYR B 185 6.47 5.36 -10.26
N LYS B 186 6.04 6.61 -10.20
CA LYS B 186 5.12 7.11 -9.14
C LYS B 186 3.77 7.55 -9.66
N GLY B 187 3.59 7.50 -10.98
CA GLY B 187 2.32 7.98 -11.54
C GLY B 187 2.34 9.46 -11.91
N PHE B 188 3.52 10.09 -11.92
CA PHE B 188 3.61 11.48 -12.37
C PHE B 188 3.89 11.49 -13.87
N GLU B 189 3.55 12.59 -14.54
CA GLU B 189 3.67 12.64 -16.01
C GLU B 189 4.46 13.84 -16.53
N VAL B 190 4.48 14.93 -15.77
CA VAL B 190 5.18 16.14 -16.22
C VAL B 190 5.69 16.90 -15.00
N SER B 191 6.76 17.66 -15.21
CA SER B 191 7.17 18.63 -14.18
C SER B 191 7.60 19.89 -14.87
N THR B 192 8.22 20.84 -14.14
CA THR B 192 8.80 21.99 -14.81
C THR B 192 10.22 22.18 -14.28
N VAL B 193 10.99 22.97 -15.02
CA VAL B 193 12.34 23.31 -14.58
C VAL B 193 12.30 24.00 -13.22
N GLY B 194 11.38 24.95 -13.03
CA GLY B 194 11.27 25.64 -11.74
C GLY B 194 10.92 24.68 -10.60
N GLU B 195 9.99 23.74 -10.85
CA GLU B 195 9.65 22.77 -9.81
C GLU B 195 10.82 21.91 -9.45
N GLU B 196 11.56 21.44 -10.46
CA GLU B 196 12.67 20.57 -10.13
C GLU B 196 13.81 21.30 -9.40
N MET B 197 14.01 22.57 -9.76
CA MET B 197 15.07 23.39 -9.14
C MET B 197 14.77 23.60 -7.66
N GLN B 198 13.48 23.58 -7.34
CA GLN B 198 12.99 23.75 -5.96
C GLN B 198 12.87 22.45 -5.19
N HIS B 199 12.41 21.39 -5.85
CA HIS B 199 11.96 20.17 -5.13
C HIS B 199 12.61 18.84 -5.47
N ASN B 200 13.48 18.79 -6.48
CA ASN B 200 14.17 17.56 -6.79
C ASN B 200 15.03 17.17 -5.60
N PRO B 201 14.82 15.97 -5.05
CA PRO B 201 15.43 15.55 -3.78
C PRO B 201 16.95 15.40 -3.77
N ARG B 202 17.56 15.27 -4.94
CA ARG B 202 19.03 15.06 -5.00
C ARG B 202 19.74 16.12 -5.79
N LEU B 203 19.16 16.53 -6.92
CA LEU B 203 19.83 17.46 -7.83
C LEU B 203 19.89 18.91 -7.32
N THR B 204 19.17 19.20 -6.24
CA THR B 204 19.20 20.52 -5.61
C THR B 204 20.32 20.64 -4.55
N LYS B 205 20.95 19.52 -4.18
CA LYS B 205 22.11 19.54 -3.26
C LYS B 205 23.33 20.14 -3.96
N ASP B 206 24.40 20.42 -3.21
CA ASP B 206 25.64 20.79 -3.88
C ASP B 206 26.25 19.55 -4.52
N LYS B 207 27.23 19.77 -5.41
CA LYS B 207 27.78 18.70 -6.21
C LYS B 207 28.36 17.53 -5.42
N GLU B 208 29.18 17.83 -4.41
CA GLU B 208 29.81 16.75 -3.66
C GLU B 208 28.82 15.94 -2.86
N THR B 209 27.80 16.60 -2.33
CA THR B 209 26.70 15.92 -1.64
C THR B 209 25.88 15.05 -2.60
N PHE B 210 25.59 15.59 -3.78
CA PHE B 210 24.93 14.78 -4.80
C PHE B 210 25.71 13.51 -5.07
N LYS B 211 27.02 13.66 -5.30
CA LYS B 211 27.88 12.53 -5.55
C LYS B 211 27.85 11.47 -4.40
N THR B 212 27.93 11.96 -3.17
CA THR B 212 27.89 11.12 -1.99
C THR B 212 26.54 10.37 -1.94
N ILE B 213 25.45 11.11 -2.12
CA ILE B 213 24.09 10.51 -2.12
C ILE B 213 24.02 9.37 -3.15
N MET B 214 24.43 9.65 -4.40
CA MET B 214 24.35 8.67 -5.44
C MET B 214 25.21 7.43 -5.12
N SER B 215 26.39 7.66 -4.52
CA SER B 215 27.23 6.50 -4.20
C SER B 215 26.62 5.61 -3.11
N ASN B 216 25.81 6.21 -2.25
CA ASN B 216 25.19 5.52 -1.11
C ASN B 216 23.88 4.79 -1.44
N LEU B 217 23.40 4.89 -2.68
CA LEU B 217 22.14 4.24 -3.05
C LEU B 217 22.23 2.72 -2.90
N ASN B 218 21.15 2.12 -2.40
CA ASN B 218 21.02 0.65 -2.37
C ASN B 218 20.14 0.18 -3.47
N LEU B 219 20.76 -0.28 -4.56
CA LEU B 219 20.00 -0.68 -5.72
C LEU B 219 20.30 -2.08 -6.10
N SER B 220 19.33 -2.77 -6.68
CA SER B 220 19.57 -4.07 -7.29
C SER B 220 20.27 -3.91 -8.65
N TYR B 221 20.82 -5.00 -9.14
CA TYR B 221 21.44 -5.01 -10.45
C TYR B 221 20.33 -4.73 -11.49
N PRO B 222 20.61 -3.89 -12.52
CA PRO B 222 19.56 -3.58 -13.51
C PRO B 222 19.00 -4.85 -14.12
N LYS B 223 17.68 -5.04 -14.06
CA LYS B 223 17.11 -6.36 -14.35
C LYS B 223 17.14 -6.79 -15.82
N MET B 224 17.38 -5.85 -16.73
CA MET B 224 17.25 -6.12 -18.15
CA MET B 224 17.25 -6.14 -18.15
C MET B 224 18.50 -5.72 -18.95
N ILE B 225 19.49 -5.17 -18.27
CA ILE B 225 20.62 -4.51 -18.95
C ILE B 225 21.42 -5.38 -19.92
N ASP B 226 21.56 -6.67 -19.61
CA ASP B 226 22.34 -7.57 -20.48
C ASP B 226 21.62 -8.07 -21.72
N VAL B 227 20.32 -7.82 -21.76
CA VAL B 227 19.54 -8.04 -22.96
C VAL B 227 19.34 -6.70 -23.66
N ALA B 228 19.00 -5.66 -22.89
CA ALA B 228 18.61 -4.40 -23.51
C ALA B 228 19.76 -3.67 -24.13
N VAL B 229 20.88 -3.54 -23.43
CA VAL B 229 22.01 -2.78 -23.98
C VAL B 229 22.50 -3.39 -25.32
N PRO B 230 22.83 -4.69 -25.33
CA PRO B 230 23.24 -5.29 -26.61
C PRO B 230 22.26 -5.04 -27.76
N ALA B 231 20.97 -5.21 -27.49
CA ALA B 231 19.95 -5.02 -28.54
C ALA B 231 19.93 -3.56 -28.99
N ASN B 232 19.97 -2.64 -28.02
CA ASN B 232 19.89 -1.21 -28.31
C ASN B 232 21.13 -0.64 -28.95
N MET B 233 22.27 -1.30 -28.75
CA MET B 233 23.48 -0.81 -29.45
C MET B 233 23.43 -1.12 -30.94
N VAL B 234 22.55 -2.03 -31.33
CA VAL B 234 22.39 -2.37 -32.75
C VAL B 234 20.98 -2.02 -33.25
N GLY B 236 18.08 -2.35 -32.06
CA GLY B 236 17.01 -3.34 -31.84
C GLY B 236 16.97 -4.49 -32.84
N LEU B 237 17.92 -4.51 -33.78
CA LEU B 237 17.85 -5.45 -34.92
C LEU B 237 18.92 -6.50 -34.74
N MET C 1 20.32 -8.48 30.02
CA MET C 1 19.16 -8.57 29.08
C MET C 1 17.88 -8.02 29.71
N LYS C 2 17.18 -7.14 29.01
CA LYS C 2 15.76 -6.95 29.23
C LYS C 2 15.12 -6.96 27.84
N LEU C 3 14.29 -7.96 27.58
CA LEU C 3 13.75 -8.07 26.23
C LEU C 3 12.49 -7.26 26.04
N LEU C 4 12.48 -6.48 24.94
CA LEU C 4 11.26 -5.95 24.38
C LEU C 4 10.93 -6.79 23.11
N PHE C 5 9.70 -7.28 23.09
CA PHE C 5 9.29 -8.21 22.04
C PHE C 5 7.94 -7.82 21.50
N ARG C 6 7.85 -7.70 20.16
CA ARG C 6 6.54 -7.43 19.56
C ARG C 6 6.36 -8.37 18.36
N GLN C 7 5.15 -8.90 18.23
CA GLN C 7 4.71 -9.61 17.04
C GLN C 7 3.74 -8.71 16.29
N LEU C 8 3.95 -8.59 14.99
CA LEU C 8 3.18 -7.65 14.18
C LEU C 8 2.67 -8.41 12.96
N PHE C 9 1.50 -8.01 12.46
CA PHE C 9 0.83 -8.87 11.46
C PHE C 9 0.60 -8.02 10.20
N GLU C 10 0.80 -8.67 9.05
CA GLU C 10 0.52 -8.01 7.75
C GLU C 10 -0.61 -8.82 7.12
N ASN C 11 -1.79 -8.22 7.11
CA ASN C 11 -2.96 -9.02 6.72
C ASN C 11 -3.13 -9.45 5.28
N GLU C 12 -2.45 -8.79 4.36
CA GLU C 12 -2.61 -9.27 2.98
C GLU C 12 -1.98 -10.64 2.79
N SER C 13 -0.81 -10.85 3.39
CA SER C 13 -0.10 -12.13 3.22
C SER C 13 -0.22 -13.02 4.49
N SER C 14 -0.86 -12.49 5.56
CA SER C 14 -0.97 -13.20 6.83
C SER C 14 0.42 -13.53 7.42
N THR C 15 1.35 -12.57 7.27
CA THR C 15 2.73 -12.68 7.71
CA THR C 15 2.72 -12.74 7.74
C THR C 15 2.92 -12.07 9.08
N PHE C 16 3.68 -12.80 9.93
CA PHE C 16 4.16 -12.19 11.20
C PHE C 16 5.59 -11.69 11.02
N THR C 17 5.78 -10.43 11.45
CA THR C 17 7.09 -9.83 11.60
C THR C 17 7.36 -9.75 13.11
N TYR C 18 8.60 -9.97 13.51
CA TYR C 18 8.95 -9.93 14.96
C TYR C 18 9.99 -8.86 15.22
N LEU C 19 9.74 -8.07 16.24
CA LEU C 19 10.70 -7.02 16.69
C LEU C 19 11.26 -7.45 18.05
N LEU C 20 12.59 -7.53 18.16
CA LEU C 20 13.24 -7.88 19.43
C LEU C 20 14.22 -6.75 19.75
N ALA C 21 14.32 -6.34 21.02
CA ALA C 21 15.33 -5.34 21.40
C ALA C 21 15.80 -5.63 22.80
N ASP C 22 17.07 -5.23 23.07
CA ASP C 22 17.59 -5.26 24.46
C ASP C 22 17.48 -3.87 25.04
N VAL C 23 16.41 -3.68 25.82
CA VAL C 23 16.13 -2.34 26.33
C VAL C 23 16.92 -2.02 27.61
N SER C 24 17.79 -2.93 28.04
CA SER C 24 18.72 -2.66 29.14
C SER C 24 19.98 -1.96 28.64
N HIS C 25 20.20 -1.95 27.33
CA HIS C 25 21.35 -1.31 26.70
C HIS C 25 20.98 0.13 26.35
N PRO C 26 21.89 1.08 26.57
CA PRO C 26 21.58 2.50 26.29
C PRO C 26 21.03 2.80 24.91
N ASP C 27 21.49 2.08 23.87
CA ASP C 27 21.02 2.33 22.48
C ASP C 27 19.72 1.53 22.17
N LYS C 28 19.28 0.66 23.07
CA LYS C 28 18.14 -0.23 22.80
CA LYS C 28 18.12 -0.21 22.77
C LYS C 28 18.25 -0.87 21.39
N PRO C 29 19.35 -1.62 21.15
CA PRO C 29 19.62 -2.24 19.86
C PRO C 29 18.50 -3.27 19.60
N ALA C 30 18.06 -3.30 18.34
CA ALA C 30 16.90 -4.11 17.93
C ALA C 30 17.17 -4.84 16.64
N LEU C 31 16.32 -5.83 16.40
CA LEU C 31 16.30 -6.48 15.09
C LEU C 31 14.83 -6.79 14.71
N LEU C 32 14.63 -6.97 13.40
CA LEU C 32 13.33 -7.40 12.88
C LEU C 32 13.55 -8.69 12.17
N ILE C 33 12.57 -9.59 12.30
CA ILE C 33 12.56 -10.87 11.59
C ILE C 33 11.33 -10.83 10.65
N ASP C 34 11.56 -11.15 9.37
CA ASP C 34 10.53 -11.16 8.34
C ASP C 34 9.71 -9.91 8.23
N PRO C 35 10.38 -8.77 8.06
CA PRO C 35 9.65 -7.54 7.76
C PRO C 35 9.13 -7.48 6.33
N VAL C 36 7.95 -6.89 6.15
CA VAL C 36 7.27 -6.86 4.87
C VAL C 36 7.31 -5.45 4.33
N ASP C 37 7.50 -5.38 3.01
CA ASP C 37 7.58 -4.04 2.38
C ASP C 37 6.40 -3.12 2.69
N LYS C 38 5.19 -3.69 2.66
CA LYS C 38 3.96 -2.92 2.92
C LYS C 38 3.95 -2.22 4.27
N THR C 39 4.63 -2.82 5.22
CA THR C 39 4.54 -2.34 6.56
C THR C 39 5.83 -1.68 7.04
N VAL C 40 6.75 -1.36 6.13
CA VAL C 40 7.96 -0.70 6.55
C VAL C 40 7.68 0.62 7.27
N ASP C 41 6.76 1.44 6.76
CA ASP C 41 6.54 2.70 7.47
C ASP C 41 5.99 2.50 8.88
N ARG C 42 5.10 1.52 9.04
CA ARG C 42 4.57 1.18 10.35
C ARG C 42 5.70 0.78 11.29
N ASP C 43 6.57 -0.07 10.77
CA ASP C 43 7.67 -0.61 11.58
C ASP C 43 8.65 0.52 11.96
N LEU C 44 8.98 1.39 11.00
CA LEU C 44 9.91 2.50 11.30
C LEU C 44 9.33 3.46 12.34
N LYS C 45 8.03 3.71 12.24
CA LYS C 45 7.40 4.62 13.21
C LYS C 45 7.44 4.02 14.62
N LEU C 46 7.16 2.72 14.70
CA LEU C 46 7.22 2.01 15.98
C LEU C 46 8.67 2.04 16.54
N ILE C 47 9.66 1.75 15.70
CA ILE C 47 11.06 1.76 16.15
C ILE C 47 11.41 3.14 16.72
N ASP C 48 10.96 4.19 16.01
CA ASP C 48 11.23 5.54 16.50
C ASP C 48 10.49 5.86 17.81
N GLU C 49 9.20 5.49 17.92
CA GLU C 49 8.45 5.71 19.17
C GLU C 49 9.05 5.02 20.39
N LEU C 50 9.58 3.81 20.19
CA LEU C 50 10.13 2.99 21.29
C LEU C 50 11.61 3.38 21.51
N GLY C 51 12.16 4.26 20.65
CA GLY C 51 13.53 4.78 20.86
C GLY C 51 14.58 3.70 20.61
N LEU C 52 14.29 2.80 19.65
CA LEU C 52 15.22 1.67 19.40
C LEU C 52 16.24 2.01 18.34
N LYS C 53 17.37 1.27 18.34
CA LYS C 53 18.35 1.38 17.28
C LYS C 53 18.31 0.07 16.48
N LEU C 54 17.71 0.11 15.30
CA LEU C 54 17.62 -1.10 14.46
C LEU C 54 19.01 -1.43 13.94
N ILE C 55 19.45 -2.66 14.23
CA ILE C 55 20.76 -3.17 13.81
C ILE C 55 20.63 -4.10 12.60
N TYR C 56 19.68 -5.03 12.67
CA TYR C 56 19.56 -6.04 11.66
C TYR C 56 18.10 -6.19 11.23
N ALA C 57 17.94 -6.46 9.92
CA ALA C 57 16.63 -6.83 9.35
C ALA C 57 16.85 -8.19 8.73
N MET C 58 16.20 -9.23 9.31
CA MET C 58 16.51 -10.58 8.94
C MET C 58 15.34 -11.29 8.32
N ASN C 59 15.65 -12.31 7.54
CA ASN C 59 14.60 -13.20 7.02
C ASN C 59 14.87 -14.64 7.43
N THR C 60 13.79 -15.36 7.73
CA THR C 60 13.94 -16.78 7.97
C THR C 60 14.22 -17.56 6.67
N HIS C 61 13.72 -17.01 5.55
CA HIS C 61 13.89 -17.67 4.25
C HIS C 61 13.48 -16.68 3.17
N VAL C 62 13.62 -17.16 1.91
CA VAL C 62 13.14 -16.38 0.79
C VAL C 62 11.61 -16.57 0.71
N HIS C 63 10.87 -15.47 0.89
CA HIS C 63 9.41 -15.58 0.92
C HIS C 63 8.78 -15.67 -0.46
N ALA C 64 7.74 -16.51 -0.52
CA ALA C 64 6.97 -16.71 -1.75
C ALA C 64 5.67 -15.90 -1.80
N ASP C 65 5.29 -15.28 -0.70
CA ASP C 65 3.95 -14.71 -0.55
C ASP C 65 3.91 -13.19 -0.36
N HIS C 66 5.09 -12.57 -0.16
CA HIS C 66 5.19 -11.14 0.09
C HIS C 66 6.62 -10.74 -0.30
N VAL C 67 6.81 -9.44 -0.47
CA VAL C 67 8.11 -8.87 -0.70
C VAL C 67 8.75 -8.39 0.62
N THR C 68 9.99 -8.79 0.80
CA THR C 68 10.74 -8.41 1.98
C THR C 68 10.85 -6.91 2.12
N GLY C 69 10.80 -6.42 3.35
CA GLY C 69 11.03 -5.05 3.67
C GLY C 69 12.46 -4.71 4.01
N THR C 70 13.32 -5.72 3.99
CA THR C 70 14.72 -5.48 4.36
C THR C 70 15.37 -4.43 3.48
N GLY C 71 15.17 -4.49 2.16
CA GLY C 71 15.85 -3.50 1.28
C GLY C 71 15.41 -2.07 1.65
N LEU C 72 14.09 -1.87 1.79
CA LEU C 72 13.56 -0.53 2.14
C LEU C 72 14.06 -0.04 3.49
N LEU C 73 14.13 -0.94 4.48
CA LEU C 73 14.64 -0.58 5.80
C LEU C 73 16.09 -0.11 5.73
N LYS C 74 16.91 -0.80 4.94
CA LYS C 74 18.34 -0.43 4.70
C LYS C 74 18.47 0.98 4.18
N THR C 75 17.58 1.34 3.26
CA THR C 75 17.62 2.64 2.60
C THR C 75 17.21 3.70 3.60
N LYS C 76 16.14 3.42 4.33
CA LYS C 76 15.60 4.42 5.26
C LYS C 76 16.41 4.60 6.53
N LEU C 77 17.10 3.55 6.99
CA LEU C 77 17.98 3.64 8.15
C LEU C 77 19.35 3.16 7.77
N PRO C 78 20.15 4.07 7.22
CA PRO C 78 21.46 3.66 6.79
C PRO C 78 22.25 3.07 7.95
N GLY C 79 22.93 1.96 7.69
CA GLY C 79 23.66 1.29 8.75
C GLY C 79 23.01 -0.04 9.13
N VAL C 80 21.69 -0.13 8.97
CA VAL C 80 20.99 -1.43 9.14
C VAL C 80 21.53 -2.44 8.14
N LYS C 81 21.77 -3.67 8.62
CA LYS C 81 22.21 -4.73 7.73
C LYS C 81 21.10 -5.75 7.51
N SER C 82 20.94 -6.20 6.27
CA SER C 82 20.03 -7.30 5.99
C SER C 82 20.74 -8.61 6.20
N VAL C 83 19.99 -9.63 6.63
CA VAL C 83 20.60 -10.91 7.00
C VAL C 83 19.72 -12.05 6.45
N ILE C 84 20.35 -13.04 5.86
CA ILE C 84 19.60 -14.25 5.38
C ILE C 84 20.57 -15.45 5.35
N SER C 85 20.05 -16.66 5.26
CA SER C 85 20.97 -17.81 5.13
C SER C 85 21.85 -17.79 3.86
N LYS C 86 23.08 -18.27 4.02
CA LYS C 86 23.91 -18.54 2.84
C LYS C 86 23.18 -19.57 1.95
N ALA C 87 22.55 -20.55 2.57
CA ALA C 87 21.89 -21.63 1.81
C ALA C 87 20.73 -21.14 0.93
N SER C 88 20.17 -19.96 1.22
CA SER C 88 19.01 -19.49 0.45
C SER C 88 19.37 -19.10 -0.99
N GLY C 89 20.64 -18.76 -1.18
CA GLY C 89 21.09 -18.18 -2.45
C GLY C 89 20.68 -16.74 -2.73
N SER C 90 20.01 -16.09 -1.77
CA SER C 90 19.54 -14.71 -1.90
C SER C 90 20.69 -13.74 -1.63
N LYS C 91 20.52 -12.47 -2.01
CA LYS C 91 21.43 -11.43 -1.66
C LYS C 91 21.07 -10.82 -0.32
N ALA C 92 22.06 -10.43 0.44
CA ALA C 92 21.90 -9.76 1.74
C ALA C 92 23.25 -9.23 2.18
N ASP C 93 23.26 -8.32 3.13
CA ASP C 93 24.53 -7.83 3.66
C ASP C 93 25.30 -8.89 4.43
N LEU C 94 24.59 -9.78 5.15
CA LEU C 94 25.22 -10.78 6.00
CA LEU C 94 25.24 -10.78 5.96
C LEU C 94 24.59 -12.14 5.71
N PHE C 95 25.42 -13.16 5.50
CA PHE C 95 24.94 -14.51 5.33
C PHE C 95 25.17 -15.37 6.54
N LEU C 96 24.17 -16.17 6.88
CA LEU C 96 24.25 -17.00 8.07
C LEU C 96 24.53 -18.45 7.72
N GLU C 97 25.31 -19.09 8.59
CA GLU C 97 25.53 -20.54 8.59
C GLU C 97 24.90 -21.15 9.83
N PRO C 98 24.58 -22.46 9.80
CA PRO C 98 24.06 -23.14 10.96
C PRO C 98 25.05 -22.92 12.09
N GLY C 99 24.52 -22.64 13.27
CA GLY C 99 25.39 -22.43 14.44
C GLY C 99 25.79 -21.00 14.67
N ASP C 100 25.55 -20.11 13.70
CA ASP C 100 25.87 -18.70 13.89
C ASP C 100 25.02 -18.07 15.00
N LYS C 101 25.51 -16.98 15.58
CA LYS C 101 24.79 -16.23 16.63
C LYS C 101 24.68 -14.78 16.16
N VAL C 102 23.50 -14.22 16.32
CA VAL C 102 23.24 -12.81 16.05
C VAL C 102 22.97 -12.16 17.42
N SER C 103 23.69 -11.08 17.75
CA SER C 103 23.51 -10.38 19.00
C SER C 103 22.93 -8.98 18.85
N ILE C 104 22.04 -8.66 19.77
CA ILE C 104 21.58 -7.29 19.97
C ILE C 104 21.74 -6.99 21.46
N GLY C 105 22.75 -6.19 21.78
CA GLY C 105 23.06 -6.00 23.19
C GLY C 105 23.43 -7.33 23.85
N ASP C 106 22.79 -7.63 24.96
CA ASP C 106 23.06 -8.88 25.69
C ASP C 106 22.17 -10.02 25.24
N ILE C 107 21.24 -9.76 24.32
CA ILE C 107 20.34 -10.81 23.79
C ILE C 107 20.94 -11.41 22.53
N TYR C 108 20.87 -12.73 22.40
CA TYR C 108 21.32 -13.29 21.14
C TYR C 108 20.34 -14.34 20.60
N LEU C 109 20.43 -14.52 19.28
CA LEU C 109 19.67 -15.58 18.58
C LEU C 109 20.64 -16.57 17.98
N GLU C 110 20.37 -17.85 18.19
CA GLU C 110 21.14 -18.92 17.57
C GLU C 110 20.45 -19.35 16.27
N VAL C 111 21.23 -19.65 15.25
CA VAL C 111 20.67 -20.00 13.92
C VAL C 111 20.70 -21.53 13.80
N ARG C 112 19.52 -22.13 13.63
CA ARG C 112 19.44 -23.57 13.30
C ARG C 112 18.98 -23.75 11.85
N ALA C 113 19.71 -24.57 11.10
CA ALA C 113 19.28 -24.84 9.72
C ALA C 113 18.07 -25.75 9.74
N THR C 114 17.00 -25.24 9.12
CA THR C 114 15.74 -26.00 9.08
C THR C 114 15.12 -26.07 7.65
N PRO C 115 15.94 -26.50 6.66
CA PRO C 115 15.42 -26.49 5.28
C PRO C 115 14.31 -27.54 5.12
N GLY C 116 13.49 -27.34 4.09
CA GLY C 116 12.44 -28.30 3.73
C GLY C 116 11.31 -27.58 3.02
N HIS C 117 10.82 -26.51 3.61
CA HIS C 117 9.95 -25.61 2.86
C HIS C 117 10.72 -25.00 1.69
N THR C 118 11.92 -24.47 1.96
CA THR C 118 12.88 -24.11 0.95
C THR C 118 14.25 -24.64 1.39
N ALA C 119 15.23 -24.55 0.48
CA ALA C 119 16.59 -24.95 0.81
C ALA C 119 17.25 -24.00 1.82
N GLY C 120 16.72 -22.78 1.95
CA GLY C 120 17.39 -21.74 2.74
C GLY C 120 16.78 -21.42 4.10
N CYS C 121 15.77 -22.19 4.49
CA CYS C 121 15.07 -21.90 5.76
C CYS C 121 16.00 -22.07 6.94
N VAL C 122 15.91 -21.11 7.86
CA VAL C 122 16.53 -21.28 9.19
C VAL C 122 15.48 -20.89 10.25
N THR C 123 15.76 -21.40 11.44
CA THR C 123 14.96 -21.05 12.62
C THR C 123 15.90 -20.28 13.56
N TYR C 124 15.41 -19.15 14.07
CA TYR C 124 16.16 -18.37 15.05
C TYR C 124 15.67 -18.66 16.41
N VAL C 125 16.57 -19.05 17.30
CA VAL C 125 16.19 -19.46 18.69
C VAL C 125 16.90 -18.57 19.71
N THR C 126 16.11 -18.04 20.62
CA THR C 126 16.75 -17.23 21.63
C THR C 126 17.69 -18.14 22.43
N GLY C 127 18.68 -17.48 23.02
CA GLY C 127 19.81 -18.15 23.59
C GLY C 127 19.54 -19.13 24.69
N GLU C 128 20.46 -20.08 24.79
CA GLU C 128 20.36 -21.05 25.83
C GLU C 128 20.98 -20.49 27.12
N GLY C 129 21.84 -19.47 26.98
CA GLY C 129 22.50 -18.84 28.13
C GLY C 129 21.54 -18.54 29.28
N ALA C 130 22.02 -18.69 30.53
CA ALA C 130 21.18 -18.47 31.74
C ALA C 130 20.55 -17.06 31.87
N ASP C 131 21.20 -16.09 31.25
CA ASP C 131 20.74 -14.72 31.31
C ASP C 131 19.71 -14.39 30.22
N GLN C 132 19.31 -15.39 29.42
CA GLN C 132 18.45 -15.14 28.23
C GLN C 132 16.94 -15.29 28.53
N PRO C 133 16.07 -14.90 27.59
CA PRO C 133 14.63 -15.08 27.80
C PRO C 133 14.22 -16.53 28.19
N GLN C 134 13.29 -16.64 29.14
CA GLN C 134 12.74 -17.94 29.54
C GLN C 134 11.22 -17.83 29.57
N PRO C 135 10.51 -18.72 28.86
CA PRO C 135 10.98 -19.83 28.02
C PRO C 135 11.71 -19.27 26.80
N ARG C 136 12.50 -20.14 26.15
CA ARG C 136 13.15 -19.77 24.91
C ARG C 136 12.05 -19.58 23.85
N MET C 137 12.44 -18.84 22.80
CA MET C 137 11.49 -18.52 21.70
C MET C 137 12.17 -18.96 20.42
N ALA C 138 11.37 -19.70 19.60
CA ALA C 138 11.88 -20.15 18.31
C ALA C 138 11.04 -19.55 17.19
N PHE C 139 11.73 -18.82 16.33
CA PHE C 139 11.09 -18.19 15.17
C PHE C 139 11.31 -19.14 13.99
N THR C 140 10.22 -19.88 13.70
CA THR C 140 10.36 -21.09 12.85
C THR C 140 10.05 -20.83 11.39
N GLY C 141 9.77 -19.59 11.01
CA GLY C 141 9.52 -19.32 9.58
C GLY C 141 8.32 -20.15 9.15
N ASP C 142 8.45 -20.80 8.02
CA ASP C 142 7.35 -21.62 7.46
C ASP C 142 7.69 -23.10 7.67
N ALA C 143 8.73 -23.41 8.43
CA ALA C 143 9.07 -24.81 8.68
C ALA C 143 8.07 -25.45 9.58
N VAL C 144 7.71 -24.78 10.68
CA VAL C 144 6.66 -25.27 11.54
C VAL C 144 5.67 -24.14 11.64
N LEU C 145 4.42 -24.42 11.35
CA LEU C 145 3.33 -23.47 11.57
C LEU C 145 2.52 -23.98 12.74
N ILE C 146 1.63 -23.13 13.25
CA ILE C 146 0.77 -23.56 14.39
C ILE C 146 -0.21 -24.58 13.85
N ARG C 147 0.02 -25.81 14.28
CA ARG C 147 -0.79 -26.97 13.81
C ARG C 147 -0.65 -27.23 12.30
N GLY C 148 0.52 -26.91 11.75
CA GLY C 148 0.76 -27.22 10.36
C GLY C 148 2.23 -27.06 9.99
N CYS C 149 2.44 -26.81 8.72
CA CYS C 149 3.80 -26.59 8.21
C CYS C 149 3.71 -26.04 6.81
N GLY C 150 4.79 -25.45 6.35
CA GLY C 150 4.79 -24.93 5.00
C GLY C 150 4.80 -25.98 3.89
N ARG C 151 4.32 -25.58 2.72
CA ARG C 151 4.36 -26.50 1.58
C ARG C 151 5.80 -26.74 1.10
N THR C 152 6.02 -27.88 0.44
CA THR C 152 7.38 -28.29 0.10
C THR C 152 7.60 -28.47 -1.41
N ASP C 153 6.66 -28.00 -2.21
CA ASP C 153 6.68 -28.29 -3.66
C ASP C 153 7.32 -27.22 -4.52
N PHE C 154 7.73 -26.11 -3.90
CA PHE C 154 8.44 -25.06 -4.59
C PHE C 154 9.78 -24.73 -3.88
N GLN C 155 10.60 -23.92 -4.53
CA GLN C 155 11.77 -23.30 -3.91
C GLN C 155 12.76 -24.35 -3.45
N GLU C 156 12.87 -25.44 -4.21
CA GLU C 156 13.80 -26.52 -3.85
C GLU C 156 13.46 -27.20 -2.51
N GLY C 157 12.20 -27.11 -2.11
CA GLY C 157 11.73 -27.81 -0.92
C GLY C 157 11.76 -29.32 -1.00
N SER C 158 11.58 -29.98 0.13
CA SER C 158 11.57 -31.44 0.24
C SER C 158 10.86 -31.82 1.52
N SER C 159 9.81 -32.61 1.46
CA SER C 159 9.17 -33.12 2.67
C SER C 159 10.08 -33.97 3.54
N ASP C 160 10.90 -34.79 2.87
CA ASP C 160 11.81 -35.61 3.59
C ASP C 160 12.71 -34.71 4.47
N GLN C 161 13.27 -33.69 3.85
CA GLN C 161 14.17 -32.74 4.55
C GLN C 161 13.41 -31.96 5.64
N LEU C 162 12.20 -31.51 5.33
CA LEU C 162 11.45 -30.75 6.34
C LEU C 162 11.21 -31.59 7.57
N TYR C 163 10.80 -32.85 7.41
CA TYR C 163 10.57 -33.71 8.54
C TYR C 163 11.83 -33.85 9.39
N GLU C 164 12.96 -34.09 8.72
CA GLU C 164 14.24 -34.26 9.41
C GLU C 164 14.61 -32.99 10.17
N SER C 165 14.39 -31.84 9.51
CA SER C 165 14.76 -30.53 10.12
C SER C 165 13.94 -30.30 11.37
N VAL C 166 12.64 -30.54 11.28
CA VAL C 166 11.75 -30.28 12.41
C VAL C 166 12.11 -31.19 13.57
N HIS C 167 12.28 -32.47 13.28
CA HIS C 167 12.48 -33.42 14.36
C HIS C 167 13.86 -33.28 14.99
N SER C 168 14.85 -32.84 14.22
CA SER C 168 16.19 -32.71 14.75
C SER C 168 16.46 -31.37 15.39
N GLN C 169 15.84 -30.32 14.85
CA GLN C 169 16.22 -28.96 15.30
C GLN C 169 15.19 -28.24 16.12
N ILE C 170 13.92 -28.63 16.01
CA ILE C 170 12.85 -27.93 16.71
CA ILE C 170 12.80 -27.95 16.68
C ILE C 170 12.24 -28.78 17.81
N PHE C 171 11.92 -30.03 17.47
CA PHE C 171 11.37 -30.94 18.48
C PHE C 171 12.43 -31.41 19.52
N THR C 172 13.67 -30.98 19.33
CA THR C 172 14.76 -31.23 20.30
C THR C 172 14.92 -30.05 21.28
N LEU C 173 14.09 -29.01 21.14
CA LEU C 173 14.11 -27.88 22.09
C LEU C 173 13.25 -28.24 23.28
N PRO C 174 13.44 -27.54 24.45
CA PRO C 174 12.57 -27.82 25.58
C PRO C 174 11.11 -27.63 25.21
N LYS C 175 10.25 -28.42 25.81
CA LYS C 175 8.86 -28.44 25.42
C LYS C 175 8.11 -27.11 25.65
N ASP C 176 8.60 -26.32 26.60
CA ASP C 176 7.91 -25.06 26.88
C ASP C 176 8.38 -23.95 25.94
N THR C 177 9.32 -24.27 25.07
CA THR C 177 9.82 -23.26 24.11
C THR C 177 8.63 -22.76 23.24
N LEU C 178 8.51 -21.44 23.09
CA LEU C 178 7.44 -20.87 22.26
C LEU C 178 7.82 -20.93 20.78
N ILE C 179 6.81 -21.27 19.98
CA ILE C 179 6.97 -21.28 18.55
CA ILE C 179 6.95 -21.27 18.55
C ILE C 179 6.21 -20.10 17.94
N TYR C 180 6.99 -19.25 17.24
CA TYR C 180 6.47 -18.05 16.58
C TYR C 180 6.75 -18.16 15.08
N PRO C 181 5.70 -18.50 14.32
CA PRO C 181 5.86 -18.84 12.89
C PRO C 181 5.78 -17.59 12.02
N ALA C 182 6.11 -17.76 10.75
CA ALA C 182 6.03 -16.62 9.82
C ALA C 182 4.65 -16.34 9.32
N HIS C 183 3.72 -17.30 9.45
CA HIS C 183 2.34 -17.08 8.95
C HIS C 183 1.37 -17.77 9.84
N ASP C 184 0.15 -17.30 9.84
CA ASP C 184 -0.98 -18.08 10.40
C ASP C 184 -2.29 -17.65 9.72
N TYR C 185 -3.16 -18.63 9.45
CA TYR C 185 -4.39 -18.35 8.69
C TYR C 185 -5.66 -18.58 9.52
N LYS C 186 -5.49 -18.98 10.79
CA LYS C 186 -6.61 -19.37 11.67
C LYS C 186 -6.84 -18.41 12.83
N GLY C 187 -6.02 -17.38 12.93
CA GLY C 187 -6.15 -16.43 14.03
C GLY C 187 -5.33 -16.83 15.25
N PHE C 188 -4.40 -17.77 15.09
CA PHE C 188 -3.48 -18.12 16.22
C PHE C 188 -2.17 -17.35 16.06
N GLU C 189 -1.47 -17.17 17.17
CA GLU C 189 -0.30 -16.32 17.17
C GLU C 189 0.96 -17.02 17.73
N VAL C 190 0.80 -18.03 18.58
CA VAL C 190 1.97 -18.66 19.17
C VAL C 190 1.56 -20.12 19.41
N SER C 191 2.58 -20.98 19.49
CA SER C 191 2.41 -22.35 20.01
C SER C 191 3.59 -22.69 20.89
N THR C 192 3.75 -23.95 21.25
CA THR C 192 4.96 -24.40 21.96
C THR C 192 5.43 -25.68 21.32
N VAL C 193 6.70 -25.99 21.57
CA VAL C 193 7.24 -27.25 21.08
C VAL C 193 6.41 -28.42 21.61
N GLY C 194 6.07 -28.45 22.91
CA GLY C 194 5.24 -29.55 23.46
C GLY C 194 3.89 -29.69 22.82
N GLU C 195 3.24 -28.55 22.53
CA GLU C 195 1.93 -28.60 21.89
C GLU C 195 2.04 -29.15 20.48
N GLU C 196 3.07 -28.74 19.72
CA GLU C 196 3.18 -29.24 18.35
C GLU C 196 3.51 -30.73 18.35
N MET C 197 4.31 -31.14 19.33
CA MET C 197 4.70 -32.59 19.40
C MET C 197 3.51 -33.49 19.74
N GLN C 198 2.50 -32.92 20.38
CA GLN C 198 1.29 -33.68 20.68
C GLN C 198 0.19 -33.52 19.65
N HIS C 199 0.08 -32.32 19.08
CA HIS C 199 -1.12 -31.98 18.30
C HIS C 199 -0.95 -31.61 16.83
N ASN C 200 0.28 -31.46 16.32
CA ASN C 200 0.46 -31.10 14.92
C ASN C 200 -0.04 -32.27 14.07
N PRO C 201 -1.04 -32.03 13.22
CA PRO C 201 -1.67 -33.09 12.43
C PRO C 201 -0.75 -33.76 11.40
N ARG C 202 0.41 -33.15 11.12
CA ARG C 202 1.31 -33.65 10.06
C ARG C 202 2.60 -34.17 10.64
N LEU C 203 3.23 -33.33 11.47
CA LEU C 203 4.59 -33.64 11.90
C LEU C 203 4.65 -34.68 12.98
N THR C 204 3.50 -35.04 13.55
CA THR C 204 3.41 -36.14 14.51
C THR C 204 3.31 -37.52 13.86
N LYS C 205 3.12 -37.54 12.54
CA LYS C 205 3.03 -38.81 11.79
C LYS C 205 4.43 -39.35 11.56
N ASP C 206 4.57 -40.61 11.16
CA ASP C 206 5.88 -41.11 10.76
C ASP C 206 6.28 -40.43 9.45
N LYS C 207 7.57 -40.52 9.15
CA LYS C 207 8.12 -39.77 8.04
C LYS C 207 7.44 -40.12 6.70
N GLU C 208 7.16 -41.41 6.46
CA GLU C 208 6.61 -41.77 5.18
C GLU C 208 5.19 -41.27 5.02
N THR C 209 4.41 -41.34 6.09
CA THR C 209 3.06 -40.80 6.10
C THR C 209 3.07 -39.28 5.93
N PHE C 210 3.98 -38.61 6.63
CA PHE C 210 4.15 -37.18 6.41
C PHE C 210 4.41 -36.82 4.95
N LYS C 211 5.38 -37.51 4.34
CA LYS C 211 5.67 -37.29 2.93
C LYS C 211 4.44 -37.48 2.02
N THR C 212 3.66 -38.50 2.32
CA THR C 212 2.47 -38.74 1.54
C THR C 212 1.47 -37.62 1.73
N ILE C 213 1.21 -37.23 2.98
CA ILE C 213 0.27 -36.14 3.26
C ILE C 213 0.69 -34.90 2.50
N MET C 214 1.98 -34.53 2.55
CA MET C 214 2.42 -33.32 1.87
C MET C 214 2.26 -33.39 0.38
N SER C 215 2.39 -34.61 -0.18
CA SER C 215 2.28 -34.75 -1.64
C SER C 215 0.85 -34.61 -2.12
N ASN C 216 -0.09 -34.71 -1.18
CA ASN C 216 -1.53 -34.72 -1.51
C ASN C 216 -2.29 -33.49 -0.99
N LEU C 217 -1.57 -32.44 -0.61
CA LEU C 217 -2.22 -31.29 0.03
C LEU C 217 -3.24 -30.60 -0.88
N ASN C 218 -2.96 -30.65 -2.18
CA ASN C 218 -3.89 -30.14 -3.19
C ASN C 218 -4.06 -28.62 -3.07
N LEU C 219 -2.93 -27.90 -3.11
CA LEU C 219 -2.94 -26.42 -3.01
C LEU C 219 -2.85 -25.81 -4.40
N SER C 220 -3.40 -24.61 -4.54
CA SER C 220 -3.29 -23.88 -5.79
C SER C 220 -1.89 -23.33 -5.97
N TYR C 221 -1.58 -22.93 -7.20
CA TYR C 221 -0.31 -22.33 -7.52
C TYR C 221 -0.18 -21.09 -6.63
N PRO C 222 1.00 -20.88 -6.00
CA PRO C 222 1.13 -19.73 -5.10
C PRO C 222 1.00 -18.43 -5.87
N LYS C 223 0.04 -17.60 -5.45
CA LYS C 223 -0.38 -16.43 -6.23
C LYS C 223 0.65 -15.32 -6.44
N MET C 224 1.64 -15.23 -5.55
CA MET C 224 2.62 -14.15 -5.69
CA MET C 224 2.64 -14.16 -5.58
C MET C 224 4.03 -14.64 -5.98
N ILE C 225 4.22 -15.96 -6.07
CA ILE C 225 5.60 -16.53 -6.13
C ILE C 225 6.42 -16.02 -7.29
N ASP C 226 5.77 -15.86 -8.45
CA ASP C 226 6.48 -15.40 -9.63
C ASP C 226 7.03 -13.99 -9.51
N VAL C 227 6.40 -13.18 -8.67
CA VAL C 227 6.86 -11.84 -8.37
C VAL C 227 7.74 -11.77 -7.08
N ALA C 228 7.29 -12.44 -6.01
CA ALA C 228 7.98 -12.31 -4.72
C ALA C 228 9.33 -12.96 -4.70
N VAL C 229 9.48 -14.15 -5.27
CA VAL C 229 10.80 -14.80 -5.19
C VAL C 229 11.91 -13.99 -5.90
N PRO C 230 11.70 -13.60 -7.17
CA PRO C 230 12.71 -12.71 -7.78
C PRO C 230 13.00 -11.40 -7.00
N ALA C 231 11.97 -10.75 -6.43
CA ALA C 231 12.21 -9.51 -5.70
C ALA C 231 13.00 -9.82 -4.41
N ASN C 232 12.63 -10.91 -3.74
CA ASN C 232 13.34 -11.29 -2.50
C ASN C 232 14.73 -11.79 -2.73
N MET C 233 15.01 -12.37 -3.90
CA MET C 233 16.37 -12.78 -4.17
C MET C 233 17.30 -11.60 -4.35
N VAL C 234 16.74 -10.40 -4.56
CA VAL C 234 17.57 -9.18 -4.62
C VAL C 234 17.29 -8.24 -3.45
N GLY C 236 14.71 -7.22 -1.99
CA GLY C 236 13.64 -6.23 -2.05
C GLY C 236 14.05 -4.84 -2.52
N LEU C 237 15.22 -4.77 -3.17
CA LEU C 237 15.70 -3.47 -3.69
C LEU C 237 15.24 -3.20 -5.11
N GLN C 238 15.14 -1.91 -5.47
CA GLN C 238 14.81 -1.54 -6.85
C GLN C 238 16.07 -1.24 -7.67
N ASP C 239 15.92 -1.25 -8.99
CA ASP C 239 17.10 -1.04 -9.85
C ASP C 239 17.21 0.40 -10.41
N VAL C 240 16.38 1.28 -9.86
CA VAL C 240 16.39 2.72 -10.17
CA VAL C 240 16.37 2.72 -10.18
C VAL C 240 16.34 3.52 -8.87
N PRO C 241 17.00 4.69 -8.82
CA PRO C 241 16.95 5.49 -7.57
C PRO C 241 15.53 5.96 -7.23
N SER C 242 15.21 6.12 -5.96
CA SER C 242 13.84 6.50 -5.60
C SER C 242 13.49 7.92 -6.06
N GLN C 243 12.21 8.13 -6.37
CA GLN C 243 11.71 9.43 -6.70
C GLN C 243 10.99 10.03 -5.51
N ALA C 244 11.04 11.36 -5.42
CA ALA C 244 10.28 12.10 -4.41
C ALA C 244 10.69 11.63 -3.01
N MET D 1 0.54 -19.90 41.14
CA MET D 1 0.05 -19.53 39.77
C MET D 1 1.09 -19.65 38.65
N LYS D 2 0.64 -20.23 37.55
CA LYS D 2 1.44 -20.27 36.34
C LYS D 2 0.45 -19.92 35.24
N LEU D 3 0.68 -18.76 34.64
CA LEU D 3 -0.23 -18.25 33.62
C LEU D 3 0.00 -18.92 32.28
N LEU D 4 -1.06 -19.45 31.69
CA LEU D 4 -1.09 -19.78 30.27
C LEU D 4 -1.93 -18.66 29.62
N PHE D 5 -1.40 -18.02 28.59
CA PHE D 5 -2.06 -16.86 27.99
C PHE D 5 -2.02 -17.01 26.48
N ARG D 6 -3.19 -16.86 25.82
CA ARG D 6 -3.21 -16.82 24.35
C ARG D 6 -4.09 -15.68 23.88
N GLN D 7 -3.60 -14.96 22.87
CA GLN D 7 -4.35 -13.91 22.14
C GLN D 7 -4.76 -14.59 20.84
N LEU D 8 -6.04 -14.49 20.53
CA LEU D 8 -6.63 -15.11 19.37
C LEU D 8 -7.34 -14.04 18.53
N PHE D 9 -7.29 -14.15 17.21
CA PHE D 9 -7.84 -13.09 16.33
C PHE D 9 -8.96 -13.60 15.43
N GLU D 10 -10.00 -12.76 15.29
CA GLU D 10 -11.15 -13.10 14.44
C GLU D 10 -11.09 -12.04 13.34
N ASN D 11 -10.70 -12.48 12.16
CA ASN D 11 -10.39 -11.54 11.08
C ASN D 11 -11.58 -10.79 10.46
N GLU D 12 -12.80 -11.32 10.63
CA GLU D 12 -13.93 -10.56 10.05
C GLU D 12 -14.15 -9.24 10.76
N SER D 13 -14.08 -9.25 12.09
CA SER D 13 -14.33 -8.06 12.90
C SER D 13 -13.04 -7.50 13.51
N SER D 14 -11.91 -8.14 13.19
CA SER D 14 -10.59 -7.74 13.78
C SER D 14 -10.58 -7.71 15.33
N THR D 15 -11.25 -8.71 15.90
CA THR D 15 -11.45 -8.78 17.34
C THR D 15 -10.39 -9.71 17.92
N PHE D 16 -9.86 -9.30 19.07
CA PHE D 16 -9.00 -10.15 19.91
C PHE D 16 -9.81 -10.82 21.04
N THR D 17 -9.67 -12.14 21.09
CA THR D 17 -10.21 -12.96 22.20
C THR D 17 -8.99 -13.38 23.01
N TYR D 18 -9.13 -13.36 24.34
CA TYR D 18 -8.03 -13.75 25.21
C TYR D 18 -8.41 -15.00 25.99
N LEU D 19 -7.48 -15.94 26.01
CA LEU D 19 -7.59 -17.16 26.84
C LEU D 19 -6.56 -17.04 27.97
N LEU D 20 -7.02 -17.14 29.23
CA LEU D 20 -6.13 -17.13 30.37
C LEU D 20 -6.43 -18.38 31.20
N ALA D 21 -5.37 -19.03 31.67
CA ALA D 21 -5.57 -20.20 32.56
C ALA D 21 -4.47 -20.26 33.59
N ASP D 22 -4.83 -20.80 34.76
CA ASP D 22 -3.83 -21.12 35.78
C ASP D 22 -3.50 -22.61 35.68
N VAL D 23 -2.36 -22.87 35.06
CA VAL D 23 -1.99 -24.25 34.78
C VAL D 23 -1.22 -24.85 35.94
N SER D 24 -1.10 -24.12 37.05
CA SER D 24 -0.52 -24.66 38.30
C SER D 24 -1.58 -25.27 39.22
N HIS D 25 -2.86 -25.11 38.85
CA HIS D 25 -4.07 -25.63 39.52
CA HIS D 25 -3.94 -25.72 39.57
C HIS D 25 -4.38 -27.00 38.92
N PRO D 26 -4.75 -27.98 39.75
CA PRO D 26 -5.05 -29.31 39.19
C PRO D 26 -6.07 -29.40 38.06
N ASP D 27 -7.09 -28.54 38.05
CA ASP D 27 -8.09 -28.55 36.98
C ASP D 27 -7.76 -27.64 35.79
N LYS D 28 -6.68 -26.88 35.89
CA LYS D 28 -6.27 -25.88 34.87
C LYS D 28 -7.46 -24.99 34.50
N PRO D 29 -8.03 -24.27 35.48
CA PRO D 29 -9.22 -23.43 35.25
C PRO D 29 -8.85 -22.26 34.29
N ALA D 30 -9.81 -21.92 33.44
CA ALA D 30 -9.56 -20.97 32.36
C ALA D 30 -10.74 -20.01 32.20
N LEU D 31 -10.48 -18.88 31.53
CA LEU D 31 -11.55 -18.01 31.11
C LEU D 31 -11.20 -17.44 29.72
N LEU D 32 -12.24 -16.98 29.05
CA LEU D 32 -12.16 -16.29 27.79
C LEU D 32 -12.65 -14.87 27.99
N ILE D 33 -11.95 -13.93 27.36
CA ILE D 33 -12.39 -12.52 27.27
C ILE D 33 -12.73 -12.20 25.81
N ASP D 34 -13.94 -11.69 25.57
CA ASP D 34 -14.42 -11.27 24.23
C ASP D 34 -14.37 -12.43 23.20
N PRO D 35 -14.99 -13.55 23.53
CA PRO D 35 -15.09 -14.64 22.54
C PRO D 35 -16.12 -14.28 21.48
N VAL D 36 -15.86 -14.71 20.24
CA VAL D 36 -16.72 -14.36 19.11
C VAL D 36 -17.46 -15.59 18.64
N ASP D 37 -18.73 -15.42 18.26
CA ASP D 37 -19.51 -16.58 17.85
C ASP D 37 -18.86 -17.40 16.72
N LYS D 38 -18.27 -16.71 15.73
CA LYS D 38 -17.64 -17.38 14.57
C LYS D 38 -16.53 -18.36 14.95
N THR D 39 -15.88 -18.09 16.06
CA THR D 39 -14.67 -18.81 16.44
C THR D 39 -14.86 -19.66 17.69
N VAL D 40 -16.11 -19.88 18.09
CA VAL D 40 -16.39 -20.81 19.20
C VAL D 40 -15.79 -22.19 19.00
N ASP D 41 -15.95 -22.79 17.81
CA ASP D 41 -15.47 -24.17 17.65
C ASP D 41 -13.93 -24.20 17.75
N ARG D 42 -13.28 -23.17 17.20
CA ARG D 42 -11.81 -23.04 17.29
C ARG D 42 -11.40 -22.94 18.76
N ASP D 43 -12.09 -22.09 19.49
CA ASP D 43 -11.73 -21.86 20.90
C ASP D 43 -11.91 -23.14 21.73
N LEU D 44 -13.02 -23.84 21.50
CA LEU D 44 -13.28 -25.04 22.29
C LEU D 44 -12.29 -26.15 21.92
N LYS D 45 -11.89 -26.22 20.66
CA LYS D 45 -10.92 -27.23 20.27
C LYS D 45 -9.56 -26.94 20.90
N LEU D 46 -9.20 -25.65 20.98
CA LEU D 46 -7.96 -25.27 21.66
C LEU D 46 -7.98 -25.56 23.15
N ILE D 47 -9.10 -25.23 23.80
CA ILE D 47 -9.24 -25.47 25.22
C ILE D 47 -9.10 -26.99 25.53
N ASP D 48 -9.70 -27.81 24.67
CA ASP D 48 -9.59 -29.27 24.81
C ASP D 48 -8.16 -29.76 24.60
N GLU D 49 -7.48 -29.25 23.58
CA GLU D 49 -6.09 -29.63 23.34
C GLU D 49 -5.16 -29.27 24.48
N LEU D 50 -5.45 -28.15 25.14
CA LEU D 50 -4.56 -27.67 26.22
C LEU D 50 -5.03 -28.29 27.55
N GLY D 51 -6.14 -29.02 27.53
CA GLY D 51 -6.62 -29.72 28.75
C GLY D 51 -7.11 -28.78 29.85
N LEU D 52 -7.71 -27.66 29.43
CA LEU D 52 -8.16 -26.62 30.37
C LEU D 52 -9.62 -26.81 30.77
N LYS D 53 -9.99 -26.25 31.91
CA LYS D 53 -11.40 -26.28 32.33
C LYS D 53 -11.96 -24.86 32.26
N LEU D 54 -12.80 -24.65 31.25
CA LEU D 54 -13.35 -23.31 31.00
C LEU D 54 -14.40 -23.01 32.07
N ILE D 55 -14.18 -21.92 32.80
CA ILE D 55 -15.06 -21.51 33.92
C ILE D 55 -15.93 -20.32 33.53
N TYR D 56 -15.33 -19.32 32.87
CA TYR D 56 -16.00 -18.02 32.61
C TYR D 56 -15.78 -17.62 31.16
N ALA D 57 -16.81 -17.02 30.58
CA ALA D 57 -16.67 -16.41 29.26
C ALA D 57 -17.15 -14.98 29.47
N MET D 58 -16.23 -14.03 29.38
CA MET D 58 -16.43 -12.64 29.81
C MET D 58 -16.39 -11.68 28.63
N ASN D 59 -17.11 -10.57 28.75
CA ASN D 59 -17.02 -9.46 27.79
C ASN D 59 -16.56 -8.19 28.47
N THR D 60 -15.74 -7.41 27.77
CA THR D 60 -15.33 -6.10 28.29
C THR D 60 -16.51 -5.10 28.20
N HIS D 61 -17.35 -5.35 27.20
CA HIS D 61 -18.48 -4.44 26.90
C HIS D 61 -19.45 -5.12 25.96
N VAL D 62 -20.58 -4.43 25.69
CA VAL D 62 -21.46 -4.94 24.69
C VAL D 62 -20.88 -4.56 23.30
N HIS D 63 -20.62 -5.55 22.46
CA HIS D 63 -19.88 -5.27 21.21
C HIS D 63 -20.84 -4.79 20.12
N ALA D 64 -20.38 -3.84 19.31
CA ALA D 64 -21.17 -3.30 18.20
C ALA D 64 -20.77 -3.94 16.86
N ASP D 65 -19.70 -4.73 16.83
CA ASP D 65 -19.07 -5.13 15.55
C ASP D 65 -19.09 -6.63 15.28
N HIS D 66 -19.40 -7.41 16.32
CA HIS D 66 -19.53 -8.85 16.20
C HIS D 66 -20.54 -9.35 17.21
N VAL D 67 -20.95 -10.60 17.04
CA VAL D 67 -21.82 -11.27 18.01
C VAL D 67 -21.01 -12.09 19.00
N THR D 68 -21.32 -11.88 20.27
CA THR D 68 -20.62 -12.59 21.35
C THR D 68 -20.76 -14.11 21.17
N GLY D 69 -19.68 -14.83 21.52
CA GLY D 69 -19.71 -16.29 21.55
C GLY D 69 -20.12 -16.86 22.91
N THR D 70 -20.40 -16.00 23.89
CA THR D 70 -20.70 -16.47 25.27
C THR D 70 -21.92 -17.39 25.28
N GLY D 71 -22.96 -17.06 24.51
CA GLY D 71 -24.18 -17.88 24.48
C GLY D 71 -23.92 -19.27 23.92
N LEU D 72 -23.18 -19.33 22.81
CA LEU D 72 -22.81 -20.60 22.19
C LEU D 72 -21.88 -21.41 23.10
N LEU D 73 -20.92 -20.75 23.77
CA LEU D 73 -20.03 -21.47 24.70
C LEU D 73 -20.82 -22.13 25.84
N LYS D 74 -21.85 -21.42 26.33
CA LYS D 74 -22.75 -21.95 27.38
C LYS D 74 -23.56 -23.16 26.92
N THR D 75 -23.93 -23.17 25.65
CA THR D 75 -24.72 -24.24 25.06
C THR D 75 -23.86 -25.49 24.91
N LYS D 76 -22.64 -25.30 24.44
CA LYS D 76 -21.75 -26.41 24.10
C LYS D 76 -21.01 -26.94 25.31
N LEU D 77 -20.76 -26.09 26.30
CA LEU D 77 -20.13 -26.48 27.57
C LEU D 77 -20.98 -26.08 28.75
N PRO D 78 -21.98 -26.92 29.09
CA PRO D 78 -22.85 -26.66 30.22
C PRO D 78 -22.04 -26.44 31.49
N GLY D 79 -22.36 -25.38 32.21
CA GLY D 79 -21.62 -25.07 33.42
C GLY D 79 -20.76 -23.82 33.31
N VAL D 80 -20.35 -23.46 32.09
CA VAL D 80 -19.63 -22.21 31.87
CA VAL D 80 -19.61 -22.20 31.92
C VAL D 80 -20.58 -21.04 32.18
N LYS D 81 -20.07 -19.98 32.80
CA LYS D 81 -20.92 -18.84 33.12
C LYS D 81 -20.47 -17.64 32.28
N SER D 82 -21.44 -16.97 31.65
CA SER D 82 -21.16 -15.68 31.00
C SER D 82 -21.07 -14.55 32.03
N VAL D 83 -20.26 -13.55 31.75
CA VAL D 83 -19.93 -12.48 32.67
C VAL D 83 -19.88 -11.14 31.91
N ILE D 84 -20.47 -10.10 32.50
CA ILE D 84 -20.44 -8.75 31.89
C ILE D 84 -20.71 -7.72 32.99
N SER D 85 -20.45 -6.45 32.74
CA SER D 85 -20.69 -5.43 33.75
C SER D 85 -22.19 -5.26 34.02
N LYS D 86 -22.51 -4.97 35.28
CA LYS D 86 -23.87 -4.56 35.62
C LYS D 86 -24.25 -3.32 34.77
N ALA D 87 -23.29 -2.41 34.61
CA ALA D 87 -23.53 -1.11 33.96
C ALA D 87 -23.92 -1.25 32.50
N SER D 88 -23.58 -2.39 31.87
CA SER D 88 -23.83 -2.58 30.46
C SER D 88 -25.31 -2.70 30.15
N GLY D 89 -26.08 -3.13 31.16
CA GLY D 89 -27.50 -3.41 30.95
C GLY D 89 -27.79 -4.64 30.13
N SER D 90 -26.77 -5.47 29.91
CA SER D 90 -26.92 -6.67 29.10
C SER D 90 -27.24 -7.85 30.00
N LYS D 91 -27.76 -8.92 29.38
CA LYS D 91 -27.96 -10.18 30.06
CA LYS D 91 -27.98 -10.22 30.00
C LYS D 91 -26.63 -10.94 30.20
N ALA D 92 -26.48 -11.63 31.32
CA ALA D 92 -25.35 -12.54 31.57
C ALA D 92 -25.65 -13.36 32.83
N ASP D 93 -24.86 -14.41 33.04
CA ASP D 93 -25.01 -15.19 34.28
C ASP D 93 -24.54 -14.46 35.52
N LEU D 94 -23.49 -13.67 35.37
CA LEU D 94 -22.84 -12.98 36.46
C LEU D 94 -22.59 -11.56 36.00
N PHE D 95 -22.91 -10.60 36.88
CA PHE D 95 -22.66 -9.17 36.66
C PHE D 95 -21.53 -8.69 37.52
N LEU D 96 -20.70 -7.79 36.98
CA LEU D 96 -19.59 -7.20 37.71
C LEU D 96 -19.83 -5.73 38.06
N GLU D 97 -19.27 -5.31 39.20
CA GLU D 97 -19.17 -3.93 39.62
C GLU D 97 -17.71 -3.59 39.70
N PRO D 98 -17.37 -2.29 39.63
CA PRO D 98 -15.99 -1.83 39.84
C PRO D 98 -15.45 -2.38 41.14
N GLY D 99 -14.23 -2.90 41.10
CA GLY D 99 -13.57 -3.41 42.31
C GLY D 99 -13.74 -4.89 42.54
N ASP D 100 -14.70 -5.52 41.85
CA ASP D 100 -14.85 -6.98 41.86
C ASP D 100 -13.58 -7.65 41.35
N LYS D 101 -13.35 -8.88 41.80
CA LYS D 101 -12.21 -9.67 41.35
C LYS D 101 -12.78 -10.96 40.79
N VAL D 102 -12.31 -11.35 39.61
CA VAL D 102 -12.67 -12.63 38.98
C VAL D 102 -11.46 -13.56 39.14
N SER D 103 -11.66 -14.75 39.70
CA SER D 103 -10.55 -15.66 39.96
C SER D 103 -10.58 -16.91 39.10
N ILE D 104 -9.43 -17.27 38.54
CA ILE D 104 -9.22 -18.59 37.96
C ILE D 104 -7.99 -19.15 38.66
N GLY D 105 -8.20 -20.10 39.57
CA GLY D 105 -7.10 -20.58 40.35
C GLY D 105 -6.51 -19.46 41.18
N ASP D 106 -5.18 -19.35 41.13
CA ASP D 106 -4.42 -18.35 41.88
C ASP D 106 -4.42 -17.02 41.15
N ILE D 107 -4.87 -17.00 39.89
CA ILE D 107 -4.80 -15.76 39.10
C ILE D 107 -6.09 -14.99 39.27
N TYR D 108 -5.99 -13.69 39.42
CA TYR D 108 -7.22 -12.92 39.45
C TYR D 108 -7.13 -11.67 38.59
N LEU D 109 -8.33 -11.25 38.17
CA LEU D 109 -8.52 -10.01 37.39
C LEU D 109 -9.37 -9.07 38.21
N GLU D 110 -8.84 -7.87 38.41
CA GLU D 110 -9.53 -6.74 39.01
C GLU D 110 -10.41 -6.07 37.94
N VAL D 111 -11.65 -5.75 38.26
CA VAL D 111 -12.59 -5.07 37.33
C VAL D 111 -12.52 -3.55 37.57
N ARG D 112 -12.12 -2.79 36.55
CA ARG D 112 -12.09 -1.33 36.66
C ARG D 112 -13.14 -0.77 35.72
N ALA D 113 -13.96 0.15 36.22
CA ALA D 113 -15.01 0.73 35.41
C ALA D 113 -14.34 1.73 34.45
N THR D 114 -14.47 1.49 33.15
CA THR D 114 -13.83 2.39 32.17
C THR D 114 -14.81 2.77 31.04
N PRO D 115 -16.00 3.30 31.40
CA PRO D 115 -16.99 3.67 30.41
C PRO D 115 -16.54 4.88 29.57
N GLY D 116 -17.18 5.02 28.43
CA GLY D 116 -16.95 6.17 27.52
C GLY D 116 -17.19 5.74 26.09
N HIS D 117 -16.58 4.66 25.66
CA HIS D 117 -17.01 3.99 24.42
C HIS D 117 -18.47 3.52 24.50
N THR D 118 -18.78 2.87 25.63
CA THR D 118 -20.16 2.58 25.98
C THR D 118 -20.31 2.89 27.46
N ALA D 119 -21.55 2.88 27.94
CA ALA D 119 -21.76 3.17 29.36
C ALA D 119 -21.36 1.96 30.24
N GLY D 120 -21.16 0.80 29.64
CA GLY D 120 -20.86 -0.42 30.44
C GLY D 120 -19.44 -0.96 30.32
N CYS D 121 -18.54 -0.24 29.68
CA CYS D 121 -17.20 -0.81 29.49
C CYS D 121 -16.45 -1.01 30.82
N VAL D 122 -15.75 -2.15 30.91
CA VAL D 122 -14.80 -2.36 32.02
C VAL D 122 -13.46 -2.77 31.43
N THR D 123 -12.42 -2.59 32.22
CA THR D 123 -11.04 -3.05 31.89
C THR D 123 -10.70 -4.11 32.95
N TYR D 124 -10.22 -5.27 32.50
CA TYR D 124 -9.79 -6.36 33.43
C TYR D 124 -8.32 -6.22 33.59
N VAL D 125 -7.83 -6.13 34.82
CA VAL D 125 -6.40 -5.95 35.07
C VAL D 125 -5.90 -7.05 35.98
N THR D 126 -4.86 -7.75 35.53
CA THR D 126 -4.28 -8.82 36.40
C THR D 126 -3.81 -8.19 37.70
N GLY D 127 -3.81 -8.99 38.76
CA GLY D 127 -3.61 -8.46 40.13
C GLY D 127 -2.27 -7.85 40.46
N GLU D 128 -2.27 -7.01 41.50
CA GLU D 128 -1.04 -6.38 41.95
C GLU D 128 -0.30 -7.29 42.91
N GLY D 129 -1.02 -8.25 43.52
CA GLY D 129 -0.42 -9.25 44.40
C GLY D 129 0.95 -9.77 43.95
N ALA D 130 1.85 -10.01 44.92
CA ALA D 130 3.24 -10.43 44.61
C ALA D 130 3.29 -11.70 43.76
N ASP D 131 2.28 -12.56 43.93
CA ASP D 131 2.28 -13.83 43.23
C ASP D 131 1.68 -13.74 41.80
N GLN D 132 1.34 -12.53 41.35
CA GLN D 132 0.59 -12.34 40.10
C GLN D 132 1.51 -12.06 38.90
N PRO D 133 0.98 -12.17 37.64
CA PRO D 133 1.80 -11.89 36.44
C PRO D 133 2.56 -10.56 36.51
N GLN D 134 3.82 -10.56 36.07
CA GLN D 134 4.60 -9.35 35.96
C GLN D 134 5.25 -9.27 34.58
N PRO D 135 5.07 -8.13 33.85
CA PRO D 135 4.25 -6.95 34.18
C PRO D 135 2.78 -7.30 34.27
N ARG D 136 1.99 -6.38 34.84
CA ARG D 136 0.56 -6.56 34.87
C ARG D 136 0.02 -6.41 33.43
N MET D 137 -1.17 -6.96 33.25
CA MET D 137 -1.86 -6.99 31.94
C MET D 137 -3.24 -6.38 32.08
N ALA D 138 -3.55 -5.44 31.18
CA ALA D 138 -4.84 -4.74 31.21
C ALA D 138 -5.58 -5.01 29.91
N PHE D 139 -6.75 -5.60 30.01
CA PHE D 139 -7.60 -5.95 28.86
C PHE D 139 -8.59 -4.81 28.75
N THR D 140 -8.32 -3.91 27.79
CA THR D 140 -8.95 -2.57 27.81
C THR D 140 -10.14 -2.48 26.91
N GLY D 141 -10.55 -3.56 26.26
CA GLY D 141 -11.71 -3.52 25.41
C GLY D 141 -11.48 -2.47 24.30
N ASP D 142 -12.48 -1.61 24.09
CA ASP D 142 -12.38 -0.56 23.08
C ASP D 142 -12.10 0.80 23.74
N ALA D 143 -11.84 0.83 25.03
CA ALA D 143 -11.55 2.11 25.71
C ALA D 143 -10.22 2.66 25.26
N VAL D 144 -9.21 1.79 25.19
CA VAL D 144 -7.90 2.15 24.70
C VAL D 144 -7.55 1.10 23.66
N LEU D 145 -7.28 1.56 22.44
CA LEU D 145 -6.75 0.69 21.36
C LEU D 145 -5.27 1.09 21.25
N ILE D 146 -4.49 0.27 20.56
CA ILE D 146 -3.09 0.55 20.39
C ILE D 146 -2.98 1.78 19.49
N ARG D 147 -2.44 2.86 20.06
CA ARG D 147 -2.39 4.16 19.38
C ARG D 147 -3.79 4.62 18.93
N GLY D 148 -4.81 4.34 19.73
CA GLY D 148 -6.16 4.77 19.38
C GLY D 148 -7.13 4.61 20.53
N CYS D 149 -8.41 4.66 20.15
CA CYS D 149 -9.52 4.43 21.10
C CYS D 149 -10.77 4.23 20.32
N GLY D 150 -11.82 3.70 20.96
CA GLY D 150 -13.07 3.47 20.23
C GLY D 150 -13.86 4.78 20.09
N ARG D 151 -14.84 4.76 19.21
CA ARG D 151 -15.69 5.95 19.05
C ARG D 151 -16.62 6.06 20.27
N THR D 152 -17.09 7.29 20.51
CA THR D 152 -17.88 7.56 21.73
C THR D 152 -19.30 8.08 21.44
N ASP D 153 -19.72 8.00 20.19
CA ASP D 153 -21.02 8.56 19.77
C ASP D 153 -22.17 7.57 19.65
N PHE D 154 -21.93 6.31 20.02
CA PHE D 154 -22.98 5.29 20.10
C PHE D 154 -22.97 4.60 21.47
N GLN D 155 -23.98 3.78 21.72
CA GLN D 155 -24.08 2.94 22.95
C GLN D 155 -23.96 3.74 24.23
N GLU D 156 -24.60 4.92 24.22
CA GLU D 156 -24.57 5.82 25.36
C GLU D 156 -23.17 6.25 25.82
N GLY D 157 -22.23 6.30 24.84
CA GLY D 157 -20.87 6.76 25.11
C GLY D 157 -20.71 8.26 25.33
N SER D 158 -19.52 8.67 25.72
CA SER D 158 -19.19 10.05 26.03
C SER D 158 -17.67 10.22 25.99
N SER D 159 -17.22 11.15 25.18
CA SER D 159 -15.80 11.49 25.17
C SER D 159 -15.23 11.96 26.50
N ASP D 160 -15.99 12.82 27.20
CA ASP D 160 -15.53 13.34 28.48
C ASP D 160 -15.28 12.14 29.43
N GLN D 161 -16.26 11.25 29.44
CA GLN D 161 -16.23 10.04 30.30
C GLN D 161 -15.07 9.14 29.92
N LEU D 162 -14.87 8.93 28.62
CA LEU D 162 -13.77 8.05 28.18
C LEU D 162 -12.45 8.64 28.63
N TYR D 163 -12.29 9.95 28.45
CA TYR D 163 -11.06 10.59 28.87
C TYR D 163 -10.78 10.38 30.37
N GLU D 164 -11.80 10.62 31.18
CA GLU D 164 -11.68 10.45 32.63
C GLU D 164 -11.39 8.98 33.01
N SER D 165 -12.09 8.05 32.36
CA SER D 165 -11.84 6.60 32.58
C SER D 165 -10.40 6.20 32.28
N VAL D 166 -9.92 6.55 31.10
CA VAL D 166 -8.56 6.20 30.75
C VAL D 166 -7.53 6.84 31.69
N HIS D 167 -7.69 8.13 31.99
CA HIS D 167 -6.67 8.81 32.77
C HIS D 167 -6.67 8.36 34.23
N SER D 168 -7.83 7.95 34.74
CA SER D 168 -7.88 7.55 36.16
C SER D 168 -7.65 6.05 36.39
N GLN D 169 -8.06 5.22 35.41
CA GLN D 169 -8.05 3.77 35.62
C GLN D 169 -6.96 3.01 34.89
N ILE D 170 -6.44 3.61 33.83
CA ILE D 170 -5.52 2.92 32.93
C ILE D 170 -4.16 3.60 33.00
N PHE D 171 -4.12 4.93 32.80
CA PHE D 171 -2.85 5.64 32.82
C PHE D 171 -2.25 5.80 34.24
N THR D 172 -2.99 5.31 35.22
CA THR D 172 -2.51 5.25 36.60
C THR D 172 -1.77 3.94 36.93
N LEU D 173 -1.85 2.97 36.02
CA LEU D 173 -1.13 1.72 36.20
C LEU D 173 0.38 1.93 35.94
N PRO D 174 1.24 1.03 36.48
CA PRO D 174 2.67 1.18 36.11
C PRO D 174 2.89 1.23 34.59
N LYS D 175 3.89 2.02 34.18
CA LYS D 175 4.18 2.23 32.77
C LYS D 175 4.45 0.93 31.99
N ASP D 176 4.96 -0.11 32.65
CA ASP D 176 5.31 -1.34 31.92
C ASP D 176 4.09 -2.27 31.73
N THR D 177 2.95 -1.87 32.28
CA THR D 177 1.72 -2.66 32.18
C THR D 177 1.38 -2.85 30.71
N LEU D 178 1.10 -4.09 30.33
CA LEU D 178 0.72 -4.37 28.92
C LEU D 178 -0.73 -4.05 28.70
N ILE D 179 -1.03 -3.48 27.54
CA ILE D 179 -2.39 -3.19 27.13
C ILE D 179 -2.81 -4.09 25.97
N TYR D 180 -3.87 -4.85 26.20
CA TYR D 180 -4.38 -5.84 25.26
C TYR D 180 -5.79 -5.45 24.93
N PRO D 181 -5.98 -4.81 23.77
CA PRO D 181 -7.28 -4.27 23.44
C PRO D 181 -8.20 -5.31 22.78
N ALA D 182 -9.47 -4.92 22.57
CA ALA D 182 -10.41 -5.81 21.97
C ALA D 182 -10.34 -5.89 20.43
N HIS D 183 -9.72 -4.88 19.81
CA HIS D 183 -9.57 -4.83 18.37
C HIS D 183 -8.26 -4.19 17.98
N ASP D 184 -7.84 -4.50 16.77
CA ASP D 184 -6.72 -3.77 16.16
C ASP D 184 -6.88 -3.88 14.64
N TYR D 185 -6.62 -2.76 13.96
CA TYR D 185 -6.80 -2.67 12.50
C TYR D 185 -5.51 -2.40 11.75
N LYS D 186 -4.35 -2.36 12.46
CA LYS D 186 -3.04 -2.01 11.88
C LYS D 186 -2.03 -3.15 11.93
N GLY D 187 -2.45 -4.29 12.52
CA GLY D 187 -1.53 -5.44 12.73
C GLY D 187 -0.70 -5.33 14.01
N PHE D 188 -1.12 -4.44 14.92
CA PHE D 188 -0.49 -4.41 16.23
C PHE D 188 -1.22 -5.39 17.17
N GLU D 189 -0.50 -5.86 18.21
CA GLU D 189 -1.11 -6.84 19.11
C GLU D 189 -1.06 -6.49 20.59
N VAL D 190 -0.13 -5.63 20.98
CA VAL D 190 -0.02 -5.22 22.38
C VAL D 190 0.57 -3.83 22.44
N SER D 191 0.28 -3.12 23.52
CA SER D 191 0.99 -1.86 23.77
C SER D 191 1.37 -1.83 25.28
N THR D 192 1.78 -0.69 25.81
CA THR D 192 1.97 -0.55 27.26
C THR D 192 1.37 0.78 27.64
N VAL D 193 1.09 0.90 28.93
CA VAL D 193 0.64 2.17 29.50
C VAL D 193 1.64 3.29 29.22
N GLY D 194 2.91 3.04 29.45
CA GLY D 194 3.95 4.01 29.14
C GLY D 194 3.91 4.49 27.70
N GLU D 195 3.71 3.59 26.74
CA GLU D 195 3.72 4.03 25.33
C GLU D 195 2.48 4.84 25.02
N GLU D 196 1.31 4.40 25.51
CA GLU D 196 0.08 5.13 25.18
C GLU D 196 0.10 6.53 25.82
N MET D 197 0.75 6.63 26.98
CA MET D 197 0.80 7.96 27.67
C MET D 197 1.65 8.96 26.92
N GLN D 198 2.56 8.45 26.10
CA GLN D 198 3.46 9.25 25.31
C GLN D 198 2.98 9.42 23.88
N HIS D 199 2.36 8.38 23.31
CA HIS D 199 2.11 8.33 21.85
C HIS D 199 0.69 8.17 21.34
N ASN D 200 -0.28 8.04 22.24
CA ASN D 200 -1.64 7.87 21.76
C ASN D 200 -2.04 9.18 21.03
N PRO D 201 -2.58 9.11 19.80
CA PRO D 201 -2.85 10.31 18.97
C PRO D 201 -3.88 11.30 19.56
N ARG D 202 -4.68 10.85 20.53
CA ARG D 202 -5.79 11.69 21.01
C ARG D 202 -5.84 11.75 22.53
N LEU D 203 -5.57 10.63 23.19
CA LEU D 203 -5.73 10.61 24.66
C LEU D 203 -4.65 11.36 25.45
N THR D 204 -3.60 11.85 24.78
CA THR D 204 -2.55 12.61 25.45
C THR D 204 -2.87 14.10 25.38
N LYS D 205 -3.88 14.48 24.60
CA LYS D 205 -4.33 15.88 24.52
C LYS D 205 -5.06 16.24 25.82
N ASP D 206 -5.33 17.52 26.03
CA ASP D 206 -6.18 17.89 27.18
C ASP D 206 -7.61 17.45 26.91
N LYS D 207 -8.43 17.42 27.96
CA LYS D 207 -9.76 16.90 27.86
C LYS D 207 -10.62 17.62 26.83
N GLU D 208 -10.52 18.95 26.81
CA GLU D 208 -11.37 19.70 25.91
C GLU D 208 -10.97 19.47 24.44
N THR D 209 -9.67 19.44 24.20
CA THR D 209 -9.13 19.09 22.87
C THR D 209 -9.55 17.67 22.44
N PHE D 210 -9.46 16.71 23.37
CA PHE D 210 -9.86 15.35 23.05
C PHE D 210 -11.31 15.31 22.59
N LYS D 211 -12.18 16.00 23.35
CA LYS D 211 -13.59 16.00 23.03
C LYS D 211 -13.84 16.63 21.64
N THR D 212 -13.11 17.70 21.34
CA THR D 212 -13.26 18.32 20.02
C THR D 212 -12.77 17.42 18.88
N ILE D 213 -11.60 16.81 19.08
CA ILE D 213 -11.05 15.88 18.08
C ILE D 213 -12.06 14.78 17.83
N MET D 214 -12.57 14.16 18.90
CA MET D 214 -13.53 13.10 18.71
C MET D 214 -14.79 13.54 17.93
N SER D 215 -15.26 14.74 18.25
CA SER D 215 -16.49 15.20 17.61
C SER D 215 -16.25 15.46 16.11
N ASN D 216 -15.01 15.78 15.75
CA ASN D 216 -14.64 16.09 14.35
C ASN D 216 -14.25 14.90 13.48
N LEU D 217 -14.22 13.69 14.05
CA LEU D 217 -13.88 12.52 13.25
C LEU D 217 -14.85 12.30 12.10
N ASN D 218 -14.32 11.83 10.98
CA ASN D 218 -15.17 11.51 9.83
C ASN D 218 -15.22 10.02 9.76
N LEU D 219 -16.36 9.48 10.18
CA LEU D 219 -16.56 8.05 10.28
C LEU D 219 -17.80 7.62 9.54
N SER D 220 -17.75 6.42 9.00
CA SER D 220 -18.95 5.80 8.46
C SER D 220 -19.85 5.27 9.58
N TYR D 221 -21.11 5.01 9.25
CA TYR D 221 -22.04 4.44 10.20
C TYR D 221 -21.59 3.02 10.59
N PRO D 222 -21.63 2.68 11.92
CA PRO D 222 -21.17 1.34 12.32
C PRO D 222 -21.82 0.23 11.52
N LYS D 223 -21.00 -0.57 10.85
CA LYS D 223 -21.44 -1.58 9.87
C LYS D 223 -22.44 -2.62 10.37
N MET D 224 -22.38 -2.94 11.66
CA MET D 224 -23.04 -4.11 12.19
CA MET D 224 -23.03 -4.12 12.20
C MET D 224 -23.89 -3.83 13.43
N ILE D 225 -23.90 -2.57 13.88
CA ILE D 225 -24.45 -2.23 15.18
C ILE D 225 -25.93 -2.66 15.40
N ASP D 226 -26.73 -2.62 14.35
CA ASP D 226 -28.15 -2.91 14.52
C ASP D 226 -28.50 -4.39 14.67
N VAL D 227 -27.56 -5.24 14.30
CA VAL D 227 -27.67 -6.68 14.53
C VAL D 227 -26.92 -7.05 15.80
N ALA D 228 -25.69 -6.52 15.93
CA ALA D 228 -24.80 -6.92 17.02
C ALA D 228 -25.29 -6.53 18.40
N VAL D 229 -25.72 -5.29 18.57
CA VAL D 229 -26.13 -4.83 19.90
C VAL D 229 -27.35 -5.62 20.43
N PRO D 230 -28.42 -5.73 19.61
CA PRO D 230 -29.55 -6.56 20.11
C PRO D 230 -29.19 -8.00 20.48
N ALA D 231 -28.34 -8.63 19.66
CA ALA D 231 -27.90 -9.99 19.93
C ALA D 231 -27.08 -10.01 21.20
N ASN D 232 -26.17 -9.05 21.34
CA ASN D 232 -25.29 -9.08 22.51
C ASN D 232 -25.97 -8.75 23.84
N MET D 233 -27.04 -7.95 23.75
CA MET D 233 -27.80 -7.62 24.93
C MET D 233 -28.55 -8.83 25.48
N VAL D 234 -28.74 -9.86 24.65
CA VAL D 234 -29.33 -11.13 25.10
C VAL D 234 -28.33 -12.33 25.09
N GLY D 236 -26.16 -13.31 23.10
CA GLY D 236 -26.01 -14.03 21.86
C GLY D 236 -27.07 -15.08 21.67
N LEU D 237 -27.99 -15.19 22.63
CA LEU D 237 -29.05 -16.20 22.66
C LEU D 237 -30.40 -15.60 22.27
#